data_9HHM
#
_entry.id   9HHM
#
_cell.length_a   105.240
_cell.length_b   105.240
_cell.length_c   211.640
_cell.angle_alpha   90.000
_cell.angle_beta   90.000
_cell.angle_gamma   90.000
#
_symmetry.space_group_name_H-M   'P 41 21 2'
#
loop_
_entity.id
_entity.type
_entity.pdbx_description
1 polymer 'Phosphatidylinositol 4-kinase type 2-beta,Endolysin'
2 non-polymer (1~{S},2~{S},4~{S},5~{R})-6-[[[[(2~{R},3~{S},4~{R},5~{R})-5-(6-aminopurin-9-yl)-3,4-bis(oxidanyl)oxolan-2-yl]methoxy-bis(oxidanylidene)-$l^{6}-phosphanyl]oxy-bis(oxidanylidene)-$l^{6}-phosphanyl]methyl-bis(oxidanylidene)-$l^{6}-phosphanyl]oxycyclohexane-1,2,3,4,5-pentol
3 water water
#
_entity_poly.entity_id   1
_entity_poly.type   'polypeptide(L)'
_entity_poly.pdbx_seq_one_letter_code
;GAMVTIGTSEMNAFLDDPEFADIMLRAEQAIEVGIFPERISQGSSGSYFVKDPKRKIIGVFKPKSEEPYGQLNPKWTKYN
IFEMLRIDEGLRLKIYKDTEGYYTIGIGHLLTKSPSLNAAKSELDKAIGRNTNGVITKDEAEKLFNQDVDAAVRGILRNA
KLKPVYDSLDAVRRAALINMVFQMGETGVAGFTNSLRMLQQKRWDEAAVNLAKSRWYNQTPNRAKRVITTFRTGTWDAYK
NLGRGCLIPNQGYLSEAGAYLVDNKLHLSIVPKTKVVWLVSETFNYNAIDRAKSRGKKYALEKVPKVGRKFHRIGLPPKI
GSFQLFVEGYKEAEYWLRKFEADPLPENIRKQFQSQFERLVILDYIIRNTDRGNDNWLVRYEKQKCEKEIDHKESKWVDD
EEFLIKIAAIDNGLAFPFKHPDEWRAYPFHWAWLPQAKVPFSEEIRNLILPYISDMNFVQDLCEDLYELFKTDKGFDKAT
FESQMSVMRGQILNLTQALRDGKSPFQLVQIPCVIVE
;
_entity_poly.pdbx_strand_id   A,B
#
loop_
_chem_comp.id
_chem_comp.type
_chem_comp.name
_chem_comp.formula
A1IVA non-polymer (1~{S},2~{S},4~{S},5~{R})-6-[[[[(2~{R},3~{S},4~{R},5~{R})-5-(6-aminopurin-9-yl)-3,4-bis(oxidanyl)oxolan-2-yl]methoxy-bis(oxidanylidene)-$l^{6}-phosphanyl]oxy-bis(oxidanylidene)-$l^{6}-phosphanyl]methyl-bis(oxidanylidene)-$l^{6}-phosphanyl]oxycyclohexane-1,2,3,4,5-pentol 'C17 H25 N5 O17 P3'
#
# COMPACT_ATOMS: atom_id res chain seq x y z
N ASN A 12 8.76 -17.69 -32.37
CA ASN A 12 8.39 -18.08 -31.01
C ASN A 12 8.83 -19.51 -30.71
N ALA A 13 10.10 -19.80 -30.98
CA ALA A 13 10.67 -21.10 -30.68
C ALA A 13 11.23 -21.10 -29.27
N PHE A 14 10.80 -22.06 -28.47
CA PHE A 14 11.18 -22.21 -27.07
C PHE A 14 11.69 -23.62 -26.82
N LEU A 15 12.67 -24.03 -27.64
CA LEU A 15 13.19 -25.39 -27.60
C LEU A 15 13.57 -25.82 -26.19
N ASP A 16 14.16 -24.91 -25.42
CA ASP A 16 14.57 -25.24 -24.06
C ASP A 16 13.39 -25.35 -23.10
N ASP A 17 12.21 -24.82 -23.48
CA ASP A 17 11.05 -24.78 -22.61
C ASP A 17 9.81 -25.24 -23.38
N PRO A 18 9.65 -26.56 -23.55
CA PRO A 18 8.46 -27.05 -24.28
C PRO A 18 7.14 -26.67 -23.63
N GLU A 19 7.09 -26.60 -22.29
CA GLU A 19 5.84 -26.24 -21.62
C GLU A 19 5.39 -24.83 -22.00
N PHE A 20 6.33 -23.88 -22.05
CA PHE A 20 5.98 -22.53 -22.45
C PHE A 20 5.57 -22.48 -23.92
N ALA A 21 6.22 -23.28 -24.77
CA ALA A 21 5.88 -23.30 -26.19
C ALA A 21 4.45 -23.78 -26.41
N ASP A 22 4.02 -24.80 -25.68
CA ASP A 22 2.66 -25.28 -25.80
C ASP A 22 1.66 -24.21 -25.38
N ILE A 23 1.99 -23.43 -24.35
CA ILE A 23 1.13 -22.32 -23.94
C ILE A 23 1.03 -21.29 -25.05
N MET A 24 2.15 -20.97 -25.70
CA MET A 24 2.11 -20.06 -26.84
C MET A 24 1.35 -20.65 -28.01
N LEU A 25 1.45 -21.97 -28.21
CA LEU A 25 0.67 -22.62 -29.27
C LEU A 25 -0.82 -22.50 -29.00
N ARG A 26 -1.24 -22.68 -27.74
CA ARG A 26 -2.63 -22.48 -27.39
C ARG A 26 -3.07 -21.03 -27.62
N ALA A 27 -2.18 -20.08 -27.33
CA ALA A 27 -2.49 -18.68 -27.59
C ALA A 27 -2.69 -18.42 -29.08
N GLU A 28 -1.83 -19.00 -29.92
CA GLU A 28 -1.97 -18.82 -31.36
C GLU A 28 -3.24 -19.49 -31.89
N GLN A 29 -3.57 -20.67 -31.35
CA GLN A 29 -4.77 -21.37 -31.79
C GLN A 29 -6.03 -20.57 -31.46
N ALA A 30 -6.05 -19.93 -30.28
CA ALA A 30 -7.20 -19.11 -29.91
C ALA A 30 -7.35 -17.91 -30.84
N ILE A 31 -6.23 -17.32 -31.27
CA ILE A 31 -6.29 -16.18 -32.18
C ILE A 31 -6.88 -16.60 -33.52
N GLU A 32 -6.51 -17.79 -34.00
CA GLU A 32 -7.01 -18.25 -35.29
C GLU A 32 -8.53 -18.44 -35.28
N VAL A 33 -9.12 -18.75 -34.13
CA VAL A 33 -10.56 -19.00 -34.05
C VAL A 33 -11.27 -17.74 -33.59
N GLY A 34 -10.56 -16.61 -33.65
CA GLY A 34 -11.13 -15.32 -33.37
C GLY A 34 -11.05 -14.86 -31.94
N ILE A 35 -10.59 -15.71 -31.02
CA ILE A 35 -10.46 -15.34 -29.61
C ILE A 35 -9.19 -14.50 -29.49
N PHE A 36 -9.34 -13.18 -29.51
CA PHE A 36 -8.20 -12.25 -29.46
C PHE A 36 -7.91 -11.82 -28.03
N PRO A 37 -6.66 -11.44 -27.75
CA PRO A 37 -6.36 -10.83 -26.45
C PRO A 37 -7.14 -9.54 -26.26
N GLU A 38 -7.51 -9.29 -25.01
CA GLU A 38 -8.27 -8.09 -24.65
C GLU A 38 -7.41 -7.19 -23.77
N ARG A 39 -7.57 -5.88 -23.97
CA ARG A 39 -6.87 -4.92 -23.12
C ARG A 39 -7.29 -5.09 -21.67
N ILE A 40 -6.31 -5.13 -20.77
CA ILE A 40 -6.61 -5.22 -19.35
C ILE A 40 -7.33 -3.95 -18.88
N SER A 41 -6.88 -2.80 -19.33
CA SER A 41 -7.58 -1.53 -19.13
C SER A 41 -7.89 -0.93 -20.49
N GLN A 42 -9.12 -0.44 -20.65
CA GLN A 42 -9.54 0.08 -21.95
C GLN A 42 -8.71 1.28 -22.38
N GLY A 43 -8.18 2.04 -21.42
CA GLY A 43 -7.41 3.21 -21.76
C GLY A 43 -6.02 2.92 -22.31
N SER A 44 -5.41 1.82 -21.87
CA SER A 44 -4.05 1.49 -22.23
C SER A 44 -4.02 0.34 -23.23
N SER A 45 -3.16 0.48 -24.24
CA SER A 45 -3.01 -0.52 -25.29
C SER A 45 -1.68 -1.28 -25.16
N GLY A 46 -1.03 -1.22 -24.01
CA GLY A 46 0.22 -1.90 -23.79
C GLY A 46 0.16 -3.16 -22.94
N SER A 47 -1.04 -3.67 -22.64
CA SER A 47 -1.16 -4.83 -21.78
C SER A 47 -2.44 -5.57 -22.13
N TYR A 48 -2.33 -6.87 -22.39
CA TYR A 48 -3.45 -7.68 -22.84
C TYR A 48 -3.52 -8.98 -22.05
N PHE A 49 -4.75 -9.44 -21.83
CA PHE A 49 -5.02 -10.77 -21.31
C PHE A 49 -5.13 -11.74 -22.48
N VAL A 50 -4.23 -12.71 -22.55
CA VAL A 50 -4.23 -13.70 -23.62
C VAL A 50 -5.00 -14.93 -23.15
N LYS A 51 -5.90 -15.42 -24.00
CA LYS A 51 -6.77 -16.54 -23.66
C LYS A 51 -6.47 -17.72 -24.57
N ASP A 52 -6.79 -18.92 -24.08
CA ASP A 52 -6.65 -20.15 -24.84
C ASP A 52 -7.93 -20.40 -25.63
N PRO A 53 -8.01 -21.45 -26.45
CA PRO A 53 -9.26 -21.70 -27.20
C PRO A 53 -10.50 -21.82 -26.32
N LYS A 54 -10.35 -22.20 -25.06
CA LYS A 54 -11.48 -22.25 -24.13
C LYS A 54 -11.71 -20.91 -23.43
N ARG A 55 -11.20 -19.81 -23.98
CA ARG A 55 -11.40 -18.45 -23.45
C ARG A 55 -10.92 -18.32 -22.01
N LYS A 56 -9.97 -19.16 -21.61
CA LYS A 56 -9.36 -19.07 -20.28
C LYS A 56 -8.07 -18.26 -20.39
N ILE A 57 -7.92 -17.28 -19.52
CA ILE A 57 -6.75 -16.41 -19.57
C ILE A 57 -5.51 -17.22 -19.21
N ILE A 58 -4.52 -17.20 -20.10
CA ILE A 58 -3.30 -17.98 -19.92
C ILE A 58 -2.07 -17.11 -19.71
N GLY A 59 -2.09 -15.84 -20.13
CA GLY A 59 -0.91 -15.02 -20.01
C GLY A 59 -1.22 -13.55 -20.17
N VAL A 60 -0.27 -12.72 -19.76
CA VAL A 60 -0.31 -11.27 -19.91
C VAL A 60 0.75 -10.90 -20.94
N PHE A 61 0.32 -10.25 -22.02
CA PHE A 61 1.22 -9.86 -23.10
C PHE A 61 1.35 -8.35 -23.14
N LYS A 62 2.60 -7.88 -23.17
CA LYS A 62 2.89 -6.44 -23.20
C LYS A 62 3.74 -6.12 -24.43
N PRO A 63 3.14 -5.57 -25.49
CA PRO A 63 3.91 -5.26 -26.70
C PRO A 63 4.97 -4.21 -26.42
N LYS A 64 6.08 -4.30 -27.16
CA LYS A 64 7.14 -3.32 -27.08
C LYS A 64 6.65 -1.94 -27.55
N TRP A 76 22.56 20.18 -29.89
CA TRP A 76 21.98 21.38 -30.49
C TRP A 76 21.39 22.30 -29.42
N THR A 77 21.05 21.73 -28.27
CA THR A 77 20.56 22.56 -27.17
C THR A 77 21.66 23.50 -26.72
N LYS A 78 21.33 24.79 -26.65
CA LYS A 78 22.28 25.82 -26.26
C LYS A 78 22.18 26.06 -24.76
N TYR A 79 23.31 26.16 -24.10
CA TYR A 79 23.36 26.37 -22.66
C TYR A 79 23.90 27.77 -22.37
N ASN A 80 23.13 28.51 -21.57
CA ASN A 80 23.45 29.88 -21.21
C ASN A 80 22.58 30.25 -20.01
N ILE A 81 22.67 31.51 -19.58
CA ILE A 81 21.89 31.94 -18.42
C ILE A 81 20.40 31.75 -18.68
N PHE A 82 19.95 32.02 -19.91
CA PHE A 82 18.52 31.92 -20.22
C PHE A 82 18.03 30.48 -20.09
N GLU A 83 18.70 29.53 -20.76
CA GLU A 83 18.29 28.14 -20.64
C GLU A 83 18.54 27.61 -19.24
N MET A 84 19.56 28.13 -18.55
CA MET A 84 19.79 27.76 -17.16
C MET A 84 18.62 28.14 -16.29
N LEU A 85 18.12 29.36 -16.45
CA LEU A 85 17.00 29.84 -15.63
C LEU A 85 15.67 29.27 -16.08
N ARG A 86 15.50 29.00 -17.38
CA ARG A 86 14.28 28.33 -17.82
C ARG A 86 14.12 26.98 -17.13
N ILE A 87 15.21 26.23 -17.01
CA ILE A 87 15.17 24.96 -16.31
C ILE A 87 14.87 25.18 -14.82
N ASP A 88 15.52 26.16 -14.20
CA ASP A 88 15.38 26.35 -12.76
C ASP A 88 14.04 26.96 -12.38
N GLU A 89 13.44 27.76 -13.26
CA GLU A 89 12.22 28.49 -12.93
C GLU A 89 10.96 27.96 -13.61
N GLY A 90 11.10 27.21 -14.71
CA GLY A 90 9.93 26.72 -15.42
C GLY A 90 9.27 27.82 -16.23
N LEU A 91 8.06 27.50 -16.71
CA LEU A 91 7.28 28.43 -17.51
C LEU A 91 5.80 28.22 -17.21
N ARG A 92 5.16 29.22 -16.61
CA ARG A 92 3.73 29.21 -16.37
C ARG A 92 3.12 30.46 -16.97
N LEU A 93 2.05 30.30 -17.75
CA LEU A 93 1.38 31.42 -18.40
C LEU A 93 0.25 32.01 -17.56
N LYS A 94 -0.04 31.42 -16.40
CA LYS A 94 -1.05 31.93 -15.49
C LYS A 94 -0.43 32.14 -14.11
N ILE A 95 -0.98 33.10 -13.37
CA ILE A 95 -0.43 33.43 -12.07
C ILE A 95 -0.46 32.22 -11.15
N TYR A 96 0.64 32.00 -10.44
CA TYR A 96 0.76 30.89 -9.51
C TYR A 96 1.53 31.36 -8.27
N LYS A 97 1.40 30.59 -7.20
CA LYS A 97 2.13 30.87 -5.97
C LYS A 97 3.45 30.10 -5.97
N ASP A 98 4.48 30.72 -5.37
CA ASP A 98 5.81 30.15 -5.31
C ASP A 98 5.99 29.37 -4.02
N THR A 99 7.25 29.03 -3.71
CA THR A 99 7.57 28.26 -2.51
C THR A 99 7.02 28.95 -1.26
N GLU A 100 7.28 30.25 -1.12
CA GLU A 100 6.76 31.03 -0.01
C GLU A 100 5.28 31.38 -0.17
N GLY A 101 4.67 31.06 -1.31
CA GLY A 101 3.29 31.41 -1.57
C GLY A 101 3.08 32.74 -2.24
N TYR A 102 4.15 33.36 -2.77
CA TYR A 102 4.04 34.65 -3.40
C TYR A 102 3.59 34.52 -4.86
N TYR A 103 2.81 35.50 -5.31
CA TYR A 103 2.27 35.45 -6.65
C TYR A 103 3.37 35.61 -7.69
N THR A 104 3.35 34.73 -8.69
CA THR A 104 4.43 34.62 -9.67
C THR A 104 3.81 34.22 -11.01
N ILE A 105 4.48 34.59 -12.09
CA ILE A 105 4.05 34.23 -13.44
C ILE A 105 5.27 34.19 -14.35
N GLY A 106 5.10 33.57 -15.51
CA GLY A 106 6.17 33.54 -16.50
C GLY A 106 7.32 32.67 -16.06
N ILE A 107 8.54 33.15 -16.30
CA ILE A 107 9.75 32.43 -15.92
C ILE A 107 10.26 33.09 -14.64
N GLY A 108 9.74 32.62 -13.51
CA GLY A 108 10.20 33.08 -12.20
C GLY A 108 10.05 34.57 -11.95
N HIS A 109 9.06 35.21 -12.56
CA HIS A 109 8.86 36.66 -12.36
C HIS A 109 7.96 36.87 -11.14
N LEU A 110 8.54 37.41 -10.08
CA LEU A 110 7.76 37.74 -8.90
C LEU A 110 6.89 38.96 -9.17
N LEU A 111 5.61 38.86 -8.87
CA LEU A 111 4.68 39.97 -9.08
C LEU A 111 4.58 40.87 -7.84
N THR A 112 4.31 40.27 -6.68
CA THR A 112 4.19 41.02 -5.44
C THR A 112 4.22 40.03 -4.27
N LYS A 113 4.56 40.55 -3.10
CA LYS A 113 4.45 39.78 -1.86
C LYS A 113 3.06 39.84 -1.26
N SER A 114 2.18 40.70 -1.78
CA SER A 114 0.85 40.84 -1.24
C SER A 114 0.03 39.58 -1.46
N PRO A 115 -0.76 39.16 -0.47
CA PRO A 115 -1.68 38.02 -0.69
C PRO A 115 -2.82 38.33 -1.64
N SER A 116 -3.03 39.59 -2.00
CA SER A 116 -4.13 39.96 -2.87
C SER A 116 -3.84 39.53 -4.31
N LEU A 117 -4.70 38.67 -4.85
CA LEU A 117 -4.55 38.27 -6.25
C LEU A 117 -4.79 39.47 -7.18
N ASN A 118 -5.70 40.36 -6.81
CA ASN A 118 -5.94 41.56 -7.62
C ASN A 118 -4.69 42.44 -7.65
N ALA A 119 -3.97 42.53 -6.53
CA ALA A 119 -2.72 43.28 -6.52
C ALA A 119 -1.71 42.68 -7.48
N ALA A 120 -1.61 41.34 -7.51
CA ALA A 120 -0.72 40.68 -8.46
C ALA A 120 -1.15 40.94 -9.89
N LYS A 121 -2.45 40.86 -10.17
CA LYS A 121 -2.95 41.17 -11.50
C LYS A 121 -2.71 42.63 -11.85
N SER A 122 -2.80 43.53 -10.87
CA SER A 122 -2.49 44.94 -11.10
C SER A 122 -1.04 45.12 -11.50
N GLU A 123 -0.12 44.47 -10.79
CA GLU A 123 1.29 44.57 -11.12
C GLU A 123 1.60 43.90 -12.46
N LEU A 124 0.94 42.78 -12.75
CA LEU A 124 1.15 42.10 -14.02
C LEU A 124 0.72 42.96 -15.19
N ASP A 125 -0.41 43.66 -15.06
CA ASP A 125 -0.90 44.49 -16.16
C ASP A 125 0.07 45.63 -16.48
N LYS A 126 0.68 46.22 -15.44
CA LYS A 126 1.67 47.27 -15.68
C LYS A 126 2.88 46.72 -16.44
N ALA A 127 3.33 45.51 -16.07
CA ALA A 127 4.52 44.94 -16.70
C ALA A 127 4.27 44.54 -18.15
N ILE A 128 3.06 44.09 -18.47
CA ILE A 128 2.77 43.62 -19.83
C ILE A 128 2.35 44.76 -20.74
N GLY A 129 1.64 45.75 -20.23
CA GLY A 129 1.11 46.83 -21.04
C GLY A 129 -0.32 46.64 -21.50
N ARG A 130 -1.06 45.71 -20.90
CA ARG A 130 -2.45 45.48 -21.23
C ARG A 130 -3.12 44.79 -20.05
N ASN A 131 -4.44 44.64 -20.12
CA ASN A 131 -5.19 43.96 -19.09
C ASN A 131 -5.13 42.46 -19.34
N THR A 132 -4.36 41.75 -18.52
CA THR A 132 -4.13 40.32 -18.70
C THR A 132 -5.08 39.44 -17.90
N ASN A 133 -5.62 39.95 -16.79
CA ASN A 133 -6.43 39.17 -15.85
C ASN A 133 -5.67 37.93 -15.39
N GLY A 134 -4.35 38.05 -15.27
CA GLY A 134 -3.51 36.97 -14.80
C GLY A 134 -3.08 35.96 -15.84
N VAL A 135 -3.22 36.26 -17.12
CA VAL A 135 -2.85 35.33 -18.19
C VAL A 135 -2.05 36.08 -19.25
N ILE A 136 -0.87 35.56 -19.58
CA ILE A 136 -0.01 36.13 -20.61
C ILE A 136 0.35 35.04 -21.61
N THR A 137 1.01 35.45 -22.69
CA THR A 137 1.47 34.53 -23.73
C THR A 137 2.94 34.18 -23.51
N LYS A 138 3.40 33.19 -24.28
CA LYS A 138 4.79 32.75 -24.17
C LYS A 138 5.75 33.86 -24.55
N ASP A 139 5.45 34.60 -25.62
CA ASP A 139 6.31 35.71 -26.03
C ASP A 139 6.36 36.80 -24.95
N GLU A 140 5.21 37.09 -24.35
CA GLU A 140 5.20 38.04 -23.24
C GLU A 140 5.97 37.51 -22.04
N ALA A 141 5.87 36.20 -21.78
CA ALA A 141 6.67 35.59 -20.71
C ALA A 141 8.15 35.71 -21.01
N GLU A 142 8.55 35.45 -22.26
CA GLU A 142 9.94 35.62 -22.65
C GLU A 142 10.39 37.07 -22.52
N LYS A 143 9.52 38.01 -22.89
CA LYS A 143 9.88 39.42 -22.81
C LYS A 143 10.17 39.85 -21.38
N LEU A 144 9.31 39.43 -20.44
CA LEU A 144 9.59 39.69 -19.03
C LEU A 144 10.87 38.99 -18.59
N PHE A 145 11.09 37.77 -19.10
CA PHE A 145 12.28 37.01 -18.72
C PHE A 145 13.55 37.73 -19.14
N ASN A 146 13.59 38.26 -20.36
CA ASN A 146 14.77 39.00 -20.80
C ASN A 146 14.99 40.24 -19.95
N GLN A 147 13.91 40.95 -19.62
CA GLN A 147 14.03 42.13 -18.76
C GLN A 147 14.56 41.75 -17.38
N ASP A 148 14.05 40.66 -16.81
CA ASP A 148 14.48 40.25 -15.48
C ASP A 148 15.95 39.86 -15.48
N VAL A 149 16.41 39.14 -16.51
CA VAL A 149 17.82 38.78 -16.59
C VAL A 149 18.68 40.03 -16.69
N ASP A 150 18.26 41.01 -17.52
CA ASP A 150 18.99 42.26 -17.62
C ASP A 150 19.02 43.00 -16.30
N ALA A 151 17.88 43.00 -15.58
CA ALA A 151 17.85 43.62 -14.26
C ALA A 151 18.83 42.94 -13.31
N ALA A 152 18.90 41.61 -13.36
CA ALA A 152 19.85 40.88 -12.51
C ALA A 152 21.28 41.27 -12.85
N VAL A 153 21.61 41.38 -14.14
CA VAL A 153 22.94 41.80 -14.55
C VAL A 153 23.20 43.23 -14.08
N ARG A 154 22.20 44.11 -14.20
CA ARG A 154 22.35 45.47 -13.72
C ARG A 154 22.58 45.50 -12.21
N GLY A 155 21.85 44.65 -11.46
CA GLY A 155 22.08 44.59 -10.03
C GLY A 155 23.49 44.13 -9.70
N ILE A 156 24.03 43.19 -10.48
CA ILE A 156 25.39 42.74 -10.26
C ILE A 156 26.39 43.86 -10.52
N LEU A 157 26.21 44.57 -11.64
CA LEU A 157 27.21 45.56 -12.05
C LEU A 157 27.16 46.80 -11.16
N ARG A 158 26.01 47.11 -10.57
CA ARG A 158 25.88 48.27 -9.70
C ARG A 158 26.22 47.98 -8.25
N ASN A 159 26.68 46.77 -7.94
CA ASN A 159 26.97 46.36 -6.57
C ASN A 159 28.48 46.24 -6.38
N ALA A 160 29.00 46.87 -5.32
CA ALA A 160 30.43 46.90 -5.09
C ALA A 160 30.99 45.54 -4.68
N LYS A 161 30.16 44.63 -4.18
CA LYS A 161 30.62 43.31 -3.80
C LYS A 161 30.40 42.25 -4.87
N LEU A 162 29.47 42.48 -5.79
CA LEU A 162 29.17 41.52 -6.85
C LEU A 162 29.99 41.77 -8.12
N LYS A 163 30.15 43.04 -8.51
CA LYS A 163 30.84 43.35 -9.76
C LYS A 163 32.27 42.84 -9.80
N PRO A 164 33.11 43.04 -8.78
CA PRO A 164 34.47 42.45 -8.85
C PRO A 164 34.46 40.94 -9.02
N VAL A 165 33.52 40.26 -8.36
CA VAL A 165 33.40 38.82 -8.55
C VAL A 165 32.94 38.51 -9.97
N TYR A 166 31.95 39.26 -10.45
CA TYR A 166 31.42 39.02 -11.79
C TYR A 166 32.49 39.22 -12.86
N ASP A 167 33.27 40.30 -12.74
CA ASP A 167 34.29 40.58 -13.75
C ASP A 167 35.38 39.52 -13.78
N SER A 168 35.68 38.90 -12.63
CA SER A 168 36.75 37.91 -12.56
C SER A 168 36.31 36.52 -13.00
N LEU A 169 35.02 36.29 -13.21
CA LEU A 169 34.53 34.95 -13.50
C LEU A 169 34.43 34.71 -15.00
N ASP A 170 34.61 33.45 -15.39
CA ASP A 170 34.30 33.03 -16.74
C ASP A 170 32.80 33.13 -16.99
N ALA A 171 32.42 32.98 -18.25
CA ALA A 171 31.03 33.22 -18.63
C ALA A 171 30.08 32.22 -17.98
N VAL A 172 30.49 30.96 -17.86
CA VAL A 172 29.61 29.94 -17.27
C VAL A 172 29.40 30.23 -15.79
N ARG A 173 30.48 30.54 -15.07
CA ARG A 173 30.33 30.88 -13.66
C ARG A 173 29.62 32.21 -13.47
N ARG A 174 29.78 33.14 -14.41
CA ARG A 174 29.00 34.38 -14.36
C ARG A 174 27.50 34.08 -14.43
N ALA A 175 27.11 33.11 -15.25
CA ALA A 175 25.71 32.72 -15.32
C ALA A 175 25.20 32.23 -13.98
N ALA A 176 26.02 31.46 -13.25
CA ALA A 176 25.62 31.01 -11.92
C ALA A 176 25.41 32.21 -10.98
N LEU A 177 26.28 33.21 -11.07
CA LEU A 177 26.08 34.42 -10.27
C LEU A 177 24.80 35.14 -10.67
N ILE A 178 24.54 35.25 -11.97
CA ILE A 178 23.30 35.85 -12.44
C ILE A 178 22.10 35.05 -11.96
N ASN A 179 22.22 33.72 -11.96
CA ASN A 179 21.14 32.87 -11.50
C ASN A 179 20.77 33.17 -10.05
N MET A 180 21.78 33.30 -9.18
CA MET A 180 21.52 33.60 -7.77
C MET A 180 20.87 34.97 -7.62
N VAL A 181 21.36 35.97 -8.34
CA VAL A 181 20.79 37.31 -8.24
C VAL A 181 19.36 37.32 -8.77
N PHE A 182 19.10 36.54 -9.82
CA PHE A 182 17.74 36.39 -10.32
C PHE A 182 16.83 35.81 -9.23
N GLN A 183 17.29 34.74 -8.57
CA GLN A 183 16.43 34.03 -7.63
C GLN A 183 16.16 34.84 -6.37
N MET A 184 17.20 35.41 -5.76
CA MET A 184 17.07 36.01 -4.44
C MET A 184 17.35 37.51 -4.41
N GLY A 185 17.77 38.11 -5.51
CA GLY A 185 17.98 39.54 -5.55
C GLY A 185 19.43 39.93 -5.25
N GLU A 186 19.76 41.16 -5.64
CA GLU A 186 21.12 41.67 -5.50
C GLU A 186 21.57 41.69 -4.04
N THR A 187 20.72 42.18 -3.14
CA THR A 187 21.09 42.28 -1.74
C THR A 187 21.36 40.92 -1.13
N GLY A 188 20.51 39.93 -1.45
CA GLY A 188 20.70 38.60 -0.89
C GLY A 188 22.03 37.99 -1.29
N VAL A 189 22.38 38.09 -2.58
CA VAL A 189 23.64 37.52 -3.05
C VAL A 189 24.81 38.30 -2.47
N ALA A 190 24.67 39.62 -2.34
CA ALA A 190 25.73 40.43 -1.75
C ALA A 190 26.06 40.00 -0.33
N GLY A 191 25.12 39.35 0.37
CA GLY A 191 25.36 38.91 1.72
C GLY A 191 26.36 37.78 1.84
N PHE A 192 26.59 37.03 0.76
CA PHE A 192 27.55 35.91 0.76
C PHE A 192 28.98 36.46 0.68
N THR A 193 29.35 37.23 1.70
CA THR A 193 30.59 38.00 1.66
C THR A 193 31.81 37.09 1.44
N ASN A 194 31.93 36.02 2.24
CA ASN A 194 33.10 35.17 2.14
C ASN A 194 33.07 34.31 0.88
N SER A 195 31.89 33.79 0.53
CA SER A 195 31.78 32.97 -0.67
C SER A 195 32.10 33.78 -1.92
N LEU A 196 31.64 35.04 -1.96
CA LEU A 196 31.99 35.91 -3.08
C LEU A 196 33.50 36.10 -3.19
N ARG A 197 34.17 36.32 -2.06
CA ARG A 197 35.62 36.46 -2.09
C ARG A 197 36.30 35.18 -2.56
N MET A 198 35.82 34.03 -2.11
CA MET A 198 36.38 32.77 -2.56
C MET A 198 36.20 32.58 -4.06
N LEU A 199 35.03 32.98 -4.58
CA LEU A 199 34.82 32.93 -6.02
C LEU A 199 35.81 33.83 -6.75
N GLN A 200 36.03 35.03 -6.23
CA GLN A 200 36.98 35.95 -6.87
C GLN A 200 38.40 35.39 -6.81
N GLN A 201 38.74 34.69 -5.72
CA GLN A 201 40.03 34.05 -5.59
C GLN A 201 40.09 32.68 -6.25
N LYS A 202 39.01 32.29 -6.94
CA LYS A 202 38.95 31.03 -7.69
C LYS A 202 39.12 29.82 -6.79
N ARG A 203 38.71 29.94 -5.53
CA ARG A 203 38.69 28.80 -4.59
C ARG A 203 37.35 28.08 -4.73
N TRP A 204 37.22 27.36 -5.86
CA TRP A 204 35.93 26.82 -6.25
C TRP A 204 35.39 25.83 -5.22
N ASP A 205 36.24 24.90 -4.78
CA ASP A 205 35.79 23.88 -3.84
C ASP A 205 35.39 24.50 -2.49
N GLU A 206 36.20 25.44 -2.00
CA GLU A 206 35.88 26.09 -0.74
C GLU A 206 34.59 26.91 -0.86
N ALA A 207 34.42 27.63 -1.96
CA ALA A 207 33.20 28.42 -2.15
C ALA A 207 31.98 27.51 -2.28
N ALA A 208 32.13 26.39 -3.00
CA ALA A 208 31.02 25.46 -3.17
C ALA A 208 30.57 24.90 -1.83
N VAL A 209 31.53 24.49 -0.99
CA VAL A 209 31.19 23.98 0.34
C VAL A 209 30.53 25.07 1.17
N ASN A 210 31.07 26.29 1.12
CA ASN A 210 30.54 27.37 1.94
C ASN A 210 29.15 27.81 1.47
N LEU A 211 28.89 27.74 0.17
CA LEU A 211 27.59 28.17 -0.35
C LEU A 211 26.47 27.21 0.04
N ALA A 212 26.80 25.94 0.27
CA ALA A 212 25.79 24.97 0.69
C ALA A 212 25.29 25.22 2.11
N LYS A 213 26.08 25.86 2.96
CA LYS A 213 25.69 26.14 4.35
C LYS A 213 24.88 27.44 4.43
N SER A 214 23.75 27.46 3.73
CA SER A 214 22.97 28.66 3.59
C SER A 214 21.49 28.33 3.62
N ARG A 215 20.68 29.30 4.06
CA ARG A 215 19.24 29.16 3.98
C ARG A 215 18.79 28.97 2.53
N TRP A 216 19.48 29.61 1.59
CA TRP A 216 19.15 29.46 0.18
C TRP A 216 19.22 28.00 -0.24
N TYR A 217 20.29 27.29 0.16
CA TYR A 217 20.40 25.88 -0.18
C TYR A 217 19.27 25.08 0.46
N ASN A 218 19.00 25.31 1.74
CA ASN A 218 17.99 24.50 2.43
C ASN A 218 16.61 24.71 1.82
N GLN A 219 16.27 25.95 1.46
CA GLN A 219 14.95 26.22 0.89
C GLN A 219 14.77 25.57 -0.47
N THR A 220 15.77 25.66 -1.35
CA THR A 220 15.71 25.10 -2.69
C THR A 220 16.97 24.26 -2.94
N PRO A 221 17.03 23.05 -2.35
CA PRO A 221 18.30 22.29 -2.41
C PRO A 221 18.65 21.79 -3.79
N ASN A 222 17.67 21.33 -4.57
CA ASN A 222 17.97 20.80 -5.89
C ASN A 222 18.52 21.88 -6.82
N ARG A 223 17.93 23.08 -6.79
CA ARG A 223 18.41 24.16 -7.64
C ARG A 223 19.75 24.69 -7.16
N ALA A 224 19.90 24.90 -5.85
CA ALA A 224 21.15 25.40 -5.32
C ALA A 224 22.30 24.44 -5.63
N LYS A 225 22.04 23.14 -5.58
CA LYS A 225 23.06 22.16 -5.93
C LYS A 225 23.50 22.32 -7.39
N ARG A 226 22.54 22.57 -8.29
CA ARG A 226 22.89 22.80 -9.69
C ARG A 226 23.74 24.06 -9.84
N VAL A 227 23.33 25.15 -9.19
CA VAL A 227 24.07 26.40 -9.29
C VAL A 227 25.46 26.26 -8.69
N ILE A 228 25.54 25.62 -7.51
CA ILE A 228 26.83 25.45 -6.85
C ILE A 228 27.76 24.59 -7.70
N THR A 229 27.22 23.52 -8.30
CA THR A 229 28.03 22.69 -9.18
C THR A 229 28.55 23.48 -10.37
N THR A 230 27.75 24.42 -10.88
CA THR A 230 28.20 25.30 -11.95
C THR A 230 29.35 26.18 -11.48
N PHE A 231 29.25 26.72 -10.25
CA PHE A 231 30.36 27.47 -9.68
C PHE A 231 31.58 26.59 -9.49
N ARG A 232 31.39 25.36 -9.00
CA ARG A 232 32.52 24.50 -8.67
C ARG A 232 33.26 24.05 -9.92
N THR A 233 32.54 23.75 -10.99
CA THR A 233 33.14 23.17 -12.19
C THR A 233 33.31 24.17 -13.33
N GLY A 234 32.54 25.24 -13.37
CA GLY A 234 32.54 26.09 -14.53
C GLY A 234 31.99 25.44 -15.78
N THR A 235 31.19 24.39 -15.61
CA THR A 235 30.59 23.66 -16.73
C THR A 235 29.06 23.65 -16.56
N TRP A 236 28.39 23.14 -17.57
CA TRP A 236 26.94 23.01 -17.57
C TRP A 236 26.48 21.61 -17.17
N ASP A 237 27.35 20.82 -16.55
CA ASP A 237 27.07 19.41 -16.32
C ASP A 237 25.83 19.20 -15.45
N ALA A 238 25.55 20.14 -14.53
CA ALA A 238 24.36 20.02 -13.69
C ALA A 238 23.07 20.25 -14.45
N TYR A 239 23.14 20.73 -15.70
CA TYR A 239 21.96 21.02 -16.50
C TYR A 239 21.85 20.19 -17.77
N LYS A 240 22.76 19.24 -18.00
CA LYS A 240 22.83 18.59 -19.30
C LYS A 240 21.85 17.42 -19.42
N ASN A 241 21.89 16.48 -18.48
CA ASN A 241 21.15 15.23 -18.61
C ASN A 241 19.90 15.19 -17.75
N LEU A 242 19.28 16.33 -17.50
CA LEU A 242 18.07 16.36 -16.68
C LEU A 242 16.90 15.76 -17.45
N GLY A 243 16.09 14.96 -16.74
CA GLY A 243 14.94 14.33 -17.34
C GLY A 243 15.24 13.08 -18.14
N ARG A 244 16.50 12.64 -18.19
CA ARG A 244 16.83 11.43 -18.93
C ARG A 244 16.27 10.18 -18.26
N GLY A 245 16.16 10.18 -16.94
CA GLY A 245 15.74 9.00 -16.21
C GLY A 245 16.87 8.01 -16.05
N CYS A 246 16.55 6.89 -15.41
CA CYS A 246 17.53 5.84 -15.16
C CYS A 246 17.26 4.57 -15.97
N LEU A 247 16.24 4.56 -16.81
CA LEU A 247 15.84 3.35 -17.53
C LEU A 247 16.00 3.56 -19.03
N ILE A 248 16.45 2.52 -19.72
CA ILE A 248 16.52 2.56 -21.18
C ILE A 248 15.10 2.63 -21.74
N PRO A 249 14.81 3.55 -22.66
CA PRO A 249 13.45 3.65 -23.20
C PRO A 249 13.08 2.43 -24.02
N ASN A 250 11.77 2.12 -24.00
CA ASN A 250 11.17 1.13 -24.90
C ASN A 250 11.82 -0.24 -24.77
N GLN A 251 12.16 -0.64 -23.54
CA GLN A 251 12.71 -1.97 -23.30
C GLN A 251 12.09 -2.61 -22.07
N GLY A 252 10.85 -2.25 -21.76
CA GLY A 252 10.15 -2.87 -20.64
C GLY A 252 9.92 -4.36 -20.84
N TYR A 253 9.69 -4.78 -22.08
CA TYR A 253 9.46 -6.20 -22.35
C TYR A 253 10.69 -7.02 -21.99
N LEU A 254 11.89 -6.48 -22.27
CA LEU A 254 13.11 -7.17 -21.87
C LEU A 254 13.28 -7.17 -20.36
N SER A 255 12.87 -6.07 -19.70
CA SER A 255 12.92 -6.03 -18.25
C SER A 255 12.02 -7.09 -17.64
N GLU A 256 10.80 -7.25 -18.18
CA GLU A 256 9.91 -8.32 -17.74
C GLU A 256 10.57 -9.68 -17.90
N ALA A 257 11.17 -9.93 -19.06
CA ALA A 257 11.84 -11.22 -19.29
C ALA A 257 13.07 -11.35 -18.41
N GLY A 258 13.82 -10.26 -18.23
CA GLY A 258 15.02 -10.33 -17.41
C GLY A 258 14.74 -10.64 -15.96
N ALA A 259 13.62 -10.16 -15.43
CA ALA A 259 13.26 -10.45 -14.05
C ALA A 259 13.04 -11.94 -13.84
N TYR A 260 12.36 -12.61 -14.78
CA TYR A 260 12.19 -14.05 -14.65
C TYR A 260 13.53 -14.78 -14.77
N LEU A 261 14.40 -14.31 -15.66
CA LEU A 261 15.72 -14.92 -15.81
C LEU A 261 16.49 -14.85 -14.50
N VAL A 262 16.47 -13.70 -13.84
CA VAL A 262 17.12 -13.56 -12.55
C VAL A 262 16.46 -14.49 -11.53
N ASP A 263 15.13 -14.50 -11.51
CA ASP A 263 14.40 -15.41 -10.62
C ASP A 263 14.81 -16.85 -10.88
N ASN A 264 14.80 -17.27 -12.15
CA ASN A 264 15.03 -18.67 -12.47
C ASN A 264 16.45 -19.11 -12.09
N LYS A 265 17.45 -18.26 -12.35
CA LYS A 265 18.82 -18.65 -12.04
C LYS A 265 19.04 -18.75 -10.54
N LEU A 266 18.32 -17.95 -9.75
CA LEU A 266 18.37 -18.03 -8.30
C LEU A 266 17.31 -18.95 -7.71
N HIS A 267 16.44 -19.52 -8.55
CA HIS A 267 15.36 -20.40 -8.10
C HIS A 267 14.47 -19.71 -7.06
N LEU A 268 14.19 -18.43 -7.28
CA LEU A 268 13.30 -17.72 -6.36
C LEU A 268 11.86 -18.22 -6.48
N SER A 269 11.41 -18.49 -7.70
CA SER A 269 10.08 -19.05 -7.97
C SER A 269 8.97 -18.13 -7.45
N ILE A 270 9.12 -16.84 -7.72
CA ILE A 270 8.06 -15.87 -7.44
C ILE A 270 7.62 -15.11 -8.68
N VAL A 271 8.46 -14.98 -9.70
CA VAL A 271 8.07 -14.37 -10.96
C VAL A 271 7.42 -15.44 -11.83
N PRO A 272 6.17 -15.27 -12.27
CA PRO A 272 5.62 -16.21 -13.25
C PRO A 272 6.47 -16.22 -14.51
N LYS A 273 6.55 -17.38 -15.15
CA LYS A 273 7.42 -17.54 -16.32
C LYS A 273 7.13 -16.46 -17.35
N THR A 274 8.15 -15.69 -17.70
CA THR A 274 8.00 -14.58 -18.62
C THR A 274 9.08 -14.68 -19.70
N LYS A 275 8.65 -14.60 -20.96
CA LYS A 275 9.54 -14.73 -22.09
C LYS A 275 9.22 -13.65 -23.11
N VAL A 276 10.18 -13.37 -23.99
CA VAL A 276 9.94 -12.47 -25.11
C VAL A 276 9.29 -13.29 -26.23
N VAL A 277 8.10 -12.87 -26.66
CA VAL A 277 7.35 -13.61 -27.68
C VAL A 277 6.89 -12.64 -28.76
N TRP A 278 6.43 -13.20 -29.87
CA TRP A 278 5.84 -12.44 -30.96
C TRP A 278 4.38 -12.87 -31.12
N LEU A 279 3.47 -11.90 -31.18
CA LEU A 279 2.06 -12.19 -31.38
C LEU A 279 1.47 -11.22 -32.39
N VAL A 280 0.43 -11.68 -33.10
CA VAL A 280 -0.31 -10.84 -34.03
C VAL A 280 -1.78 -10.88 -33.61
N SER A 281 -2.40 -9.70 -33.49
CA SER A 281 -3.77 -9.64 -33.04
C SER A 281 -4.43 -8.38 -33.60
N GLU A 282 -5.70 -8.51 -33.96
CA GLU A 282 -6.45 -7.35 -34.44
C GLU A 282 -6.67 -6.34 -33.33
N THR A 283 -6.69 -6.79 -32.07
CA THR A 283 -6.88 -5.91 -30.93
C THR A 283 -5.66 -5.05 -30.62
N PHE A 284 -4.52 -5.33 -31.24
CA PHE A 284 -3.34 -4.50 -31.03
C PHE A 284 -3.50 -3.17 -31.77
N ASN A 285 -2.75 -2.18 -31.32
CA ASN A 285 -2.80 -0.84 -31.89
C ASN A 285 -1.71 -0.71 -32.95
N TYR A 286 -2.13 -0.62 -34.21
CA TYR A 286 -1.18 -0.51 -35.31
C TYR A 286 -1.20 0.89 -35.92
N PRO A 317 1.18 -8.44 -39.34
CA PRO A 317 2.28 -7.71 -38.72
C PRO A 317 2.49 -8.10 -37.26
N PRO A 318 3.40 -9.04 -37.01
CA PRO A 318 3.64 -9.49 -35.63
C PRO A 318 4.24 -8.40 -34.77
N LYS A 319 3.86 -8.41 -33.50
CA LYS A 319 4.39 -7.48 -32.51
C LYS A 319 5.18 -8.24 -31.46
N ILE A 320 6.39 -7.77 -31.17
CA ILE A 320 7.20 -8.37 -30.12
C ILE A 320 6.75 -7.83 -28.76
N GLY A 321 7.00 -8.62 -27.72
CA GLY A 321 6.65 -8.19 -26.38
C GLY A 321 6.92 -9.29 -25.37
N SER A 322 6.56 -8.99 -24.12
CA SER A 322 6.73 -9.91 -23.02
C SER A 322 5.44 -10.69 -22.78
N PHE A 323 5.58 -11.99 -22.51
CA PHE A 323 4.45 -12.87 -22.23
C PHE A 323 4.69 -13.50 -20.86
N GLN A 324 3.90 -13.07 -19.87
CA GLN A 324 4.01 -13.57 -18.51
C GLN A 324 2.81 -14.47 -18.21
N LEU A 325 3.08 -15.65 -17.67
CA LEU A 325 2.02 -16.60 -17.37
C LEU A 325 1.06 -16.00 -16.35
N PHE A 326 -0.24 -16.14 -16.63
CA PHE A 326 -1.26 -15.67 -15.71
C PHE A 326 -1.32 -16.58 -14.49
N VAL A 327 -1.40 -15.97 -13.31
CA VAL A 327 -1.56 -16.70 -12.05
C VAL A 327 -2.93 -16.39 -11.49
N GLU A 328 -3.59 -17.41 -10.96
CA GLU A 328 -4.97 -17.32 -10.52
C GLU A 328 -5.06 -17.40 -9.00
N GLY A 329 -6.04 -16.70 -8.45
CA GLY A 329 -6.28 -16.73 -7.02
C GLY A 329 -5.41 -15.80 -6.20
N TYR A 330 -4.64 -14.94 -6.83
CA TYR A 330 -3.79 -13.99 -6.13
C TYR A 330 -4.52 -12.67 -5.92
N LYS A 331 -4.32 -12.08 -4.74
CA LYS A 331 -4.75 -10.73 -4.46
C LYS A 331 -3.53 -9.84 -4.30
N GLU A 332 -3.75 -8.52 -4.37
CA GLU A 332 -2.67 -7.59 -4.11
C GLU A 332 -2.16 -7.76 -2.68
N ALA A 333 -0.86 -7.56 -2.51
CA ALA A 333 -0.26 -7.71 -1.18
C ALA A 333 -0.91 -6.77 -0.19
N GLU A 334 -1.20 -5.53 -0.61
CA GLU A 334 -1.84 -4.58 0.28
C GLU A 334 -3.16 -5.12 0.80
N TYR A 335 -3.89 -5.89 -0.02
CA TYR A 335 -5.12 -6.52 0.45
C TYR A 335 -4.86 -7.49 1.59
N TRP A 336 -3.90 -8.40 1.42
CA TRP A 336 -3.64 -9.39 2.45
C TRP A 336 -2.94 -8.80 3.66
N LEU A 337 -2.09 -7.78 3.46
CA LEU A 337 -1.53 -7.08 4.61
C LEU A 337 -2.62 -6.45 5.46
N ARG A 338 -3.64 -5.89 4.81
CA ARG A 338 -4.79 -5.35 5.54
C ARG A 338 -5.53 -6.45 6.29
N LYS A 339 -5.75 -7.60 5.66
CA LYS A 339 -6.49 -8.69 6.31
C LYS A 339 -5.73 -9.27 7.49
N PHE A 340 -4.40 -9.31 7.43
CA PHE A 340 -3.62 -9.88 8.52
C PHE A 340 -3.64 -9.01 9.78
N GLU A 341 -4.14 -7.77 9.69
CA GLU A 341 -4.27 -6.94 10.88
C GLU A 341 -5.32 -7.51 11.83
N ALA A 342 -6.39 -8.08 11.28
CA ALA A 342 -7.43 -8.69 12.11
C ALA A 342 -7.20 -10.17 12.34
N ASP A 343 -6.61 -10.87 11.37
CA ASP A 343 -6.36 -12.30 11.45
C ASP A 343 -4.89 -12.53 11.17
N PRO A 344 -4.02 -12.28 12.15
CA PRO A 344 -2.58 -12.47 11.93
C PRO A 344 -2.27 -13.93 11.60
N LEU A 345 -1.24 -14.11 10.79
CA LEU A 345 -0.91 -15.44 10.31
C LEU A 345 -0.42 -16.32 11.44
N PRO A 346 -0.73 -17.62 11.42
CA PRO A 346 -0.07 -18.55 12.33
C PRO A 346 1.43 -18.56 12.08
N GLU A 347 2.20 -18.84 13.14
CA GLU A 347 3.64 -18.67 13.07
C GLU A 347 4.26 -19.50 11.94
N ASN A 348 3.72 -20.69 11.67
CA ASN A 348 4.24 -21.49 10.58
C ASN A 348 4.02 -20.81 9.23
N ILE A 349 2.86 -20.18 9.05
CA ILE A 349 2.58 -19.48 7.80
C ILE A 349 3.28 -18.12 7.79
N ARG A 350 3.43 -17.49 8.95
CA ARG A 350 4.17 -16.22 9.00
C ARG A 350 5.61 -16.40 8.55
N LYS A 351 6.26 -17.49 9.00
CA LYS A 351 7.61 -17.78 8.55
C LYS A 351 7.65 -18.06 7.05
N GLN A 352 6.65 -18.79 6.55
CA GLN A 352 6.58 -19.06 5.11
C GLN A 352 6.36 -17.77 4.32
N PHE A 353 5.49 -16.89 4.82
CA PHE A 353 5.26 -15.62 4.13
C PHE A 353 6.52 -14.76 4.14
N GLN A 354 7.24 -14.75 5.27
CA GLN A 354 8.44 -13.92 5.38
C GLN A 354 9.53 -14.41 4.41
N SER A 355 9.67 -15.73 4.26
CA SER A 355 10.65 -16.26 3.32
C SER A 355 10.28 -15.88 1.88
N GLN A 356 8.99 -15.94 1.54
CA GLN A 356 8.54 -15.43 0.25
C GLN A 356 8.82 -13.94 0.11
N PHE A 357 8.60 -13.19 1.18
CA PHE A 357 8.88 -11.75 1.17
C PHE A 357 10.37 -11.50 0.94
N GLU A 358 11.23 -12.32 1.55
CA GLU A 358 12.66 -12.17 1.36
C GLU A 358 13.07 -12.43 -0.09
N ARG A 359 12.44 -13.42 -0.72
CA ARG A 359 12.70 -13.67 -2.13
C ARG A 359 12.34 -12.47 -2.99
N LEU A 360 11.20 -11.84 -2.69
CA LEU A 360 10.81 -10.63 -3.42
C LEU A 360 11.82 -9.52 -3.22
N VAL A 361 12.28 -9.33 -1.98
CA VAL A 361 13.29 -8.31 -1.70
C VAL A 361 14.55 -8.59 -2.52
N ILE A 362 14.98 -9.85 -2.54
CA ILE A 362 16.20 -10.21 -3.26
C ILE A 362 16.04 -9.94 -4.75
N LEU A 363 14.90 -10.33 -5.32
CA LEU A 363 14.66 -10.08 -6.74
C LEU A 363 14.69 -8.58 -7.04
N ASP A 364 13.91 -7.81 -6.29
CA ASP A 364 13.78 -6.38 -6.57
C ASP A 364 15.09 -5.65 -6.36
N TYR A 365 15.83 -6.00 -5.32
CA TYR A 365 17.10 -5.32 -5.07
C TYR A 365 18.10 -5.62 -6.18
N ILE A 366 18.20 -6.90 -6.60
CA ILE A 366 19.18 -7.28 -7.61
C ILE A 366 18.89 -6.57 -8.92
N ILE A 367 17.63 -6.59 -9.36
CA ILE A 367 17.27 -5.94 -10.62
C ILE A 367 17.02 -4.46 -10.46
N ARG A 368 17.12 -3.93 -9.24
CA ARG A 368 16.82 -2.53 -8.93
C ARG A 368 15.51 -2.09 -9.58
N ASN A 369 14.44 -2.76 -9.17
CA ASN A 369 13.10 -2.42 -9.64
C ASN A 369 12.77 -1.00 -9.18
N THR A 370 12.33 -0.17 -10.13
CA THR A 370 11.94 1.20 -9.83
C THR A 370 10.44 1.38 -9.69
N ASP A 371 9.66 0.31 -9.85
CA ASP A 371 8.21 0.41 -9.95
C ASP A 371 7.54 -0.69 -9.14
N ARG A 372 8.06 -1.00 -7.96
CA ARG A 372 7.43 -1.98 -7.09
C ARG A 372 6.62 -1.25 -6.04
N GLY A 373 5.29 -1.29 -6.18
CA GLY A 373 4.39 -0.91 -5.12
C GLY A 373 3.88 -2.15 -4.39
N ASN A 374 3.07 -1.90 -3.37
CA ASN A 374 2.43 -3.01 -2.68
C ASN A 374 1.16 -3.46 -3.37
N ASP A 375 0.86 -2.90 -4.55
CA ASP A 375 -0.22 -3.37 -5.38
C ASP A 375 0.23 -4.29 -6.50
N ASN A 376 1.51 -4.25 -6.89
CA ASN A 376 1.98 -5.06 -8.00
C ASN A 376 2.93 -6.18 -7.58
N TRP A 377 2.93 -6.55 -6.31
CA TRP A 377 3.33 -7.90 -5.90
C TRP A 377 2.13 -8.55 -5.23
N LEU A 378 1.77 -9.74 -5.73
CA LEU A 378 0.53 -10.40 -5.35
C LEU A 378 0.79 -11.50 -4.33
N VAL A 379 -0.24 -11.83 -3.57
CA VAL A 379 -0.19 -12.85 -2.54
C VAL A 379 -1.42 -13.74 -2.69
N ARG A 380 -1.19 -15.05 -2.68
CA ARG A 380 -2.26 -16.04 -2.65
C ARG A 380 -2.27 -16.71 -1.27
N TYR A 381 -3.46 -16.85 -0.69
CA TYR A 381 -3.59 -17.42 0.64
C TYR A 381 -4.95 -18.07 0.77
N GLU A 382 -4.98 -19.25 1.40
CA GLU A 382 -6.22 -19.99 1.59
C GLU A 382 -6.64 -20.00 3.07
N GLU A 402 4.61 -28.05 -0.54
CA GLU A 402 3.75 -27.05 -1.16
C GLU A 402 3.76 -25.75 -0.35
N PHE A 403 3.16 -24.70 -0.90
CA PHE A 403 3.11 -23.39 -0.28
C PHE A 403 1.69 -23.10 0.18
N LEU A 404 1.53 -22.85 1.49
CA LEU A 404 0.24 -22.39 2.00
C LEU A 404 -0.01 -20.95 1.61
N ILE A 405 1.04 -20.12 1.62
CA ILE A 405 0.96 -18.73 1.19
C ILE A 405 2.06 -18.49 0.16
N LYS A 406 1.71 -17.80 -0.92
CA LYS A 406 2.63 -17.65 -2.04
C LYS A 406 2.63 -16.21 -2.53
N ILE A 407 3.80 -15.77 -3.00
CA ILE A 407 3.99 -14.45 -3.57
C ILE A 407 4.20 -14.59 -5.07
N ALA A 408 3.55 -13.73 -5.85
CA ALA A 408 3.79 -13.61 -7.28
C ALA A 408 4.33 -12.22 -7.55
N ALA A 409 5.55 -12.15 -8.07
CA ALA A 409 6.16 -10.88 -8.46
C ALA A 409 5.83 -10.64 -9.93
N ILE A 410 4.91 -9.74 -10.19
CA ILE A 410 4.44 -9.45 -11.54
C ILE A 410 4.91 -8.05 -11.92
N ASP A 411 4.61 -7.63 -13.15
CA ASP A 411 4.78 -6.26 -13.59
C ASP A 411 6.21 -5.76 -13.32
N ASN A 412 7.16 -6.46 -13.92
CA ASN A 412 8.58 -6.19 -13.71
C ASN A 412 9.22 -5.47 -14.89
N GLY A 413 8.46 -4.62 -15.58
CA GLY A 413 8.93 -3.98 -16.79
C GLY A 413 9.74 -2.72 -16.62
N LEU A 414 10.00 -2.29 -15.39
CA LEU A 414 10.73 -1.05 -15.14
C LEU A 414 11.92 -1.32 -14.22
N ALA A 415 12.68 -2.35 -14.55
CA ALA A 415 13.84 -2.76 -13.79
C ALA A 415 15.09 -2.67 -14.68
N PHE A 416 16.21 -3.16 -14.15
CA PHE A 416 17.50 -3.10 -14.81
C PHE A 416 17.87 -1.69 -15.29
N PRO A 417 17.92 -0.71 -14.37
CA PRO A 417 18.32 0.63 -14.78
C PRO A 417 19.80 0.69 -15.14
N PHE A 418 20.12 1.57 -16.09
CA PHE A 418 21.52 1.71 -16.47
C PHE A 418 22.32 2.54 -15.47
N LYS A 419 21.65 3.22 -14.54
CA LYS A 419 22.33 3.96 -13.49
C LYS A 419 21.44 3.96 -12.24
N HIS A 420 22.08 4.11 -11.08
CA HIS A 420 21.32 4.30 -9.86
C HIS A 420 20.62 5.65 -9.90
N PRO A 421 19.40 5.75 -9.36
CA PRO A 421 18.67 7.02 -9.43
C PRO A 421 19.32 8.11 -8.60
N ASP A 422 19.12 9.35 -9.06
CA ASP A 422 19.46 10.50 -8.24
C ASP A 422 18.46 10.62 -7.07
N GLU A 423 18.81 11.43 -6.09
CA GLU A 423 18.07 11.43 -4.83
C GLU A 423 16.90 12.40 -4.79
N TRP A 424 16.64 13.16 -5.86
CA TRP A 424 15.39 13.90 -5.95
C TRP A 424 14.26 13.06 -6.53
N ARG A 425 14.58 11.90 -7.12
CA ARG A 425 13.58 10.94 -7.59
C ARG A 425 14.14 9.56 -7.22
N ALA A 426 13.78 9.09 -6.02
CA ALA A 426 14.47 7.95 -5.41
C ALA A 426 13.99 6.60 -5.93
N TYR A 427 12.78 6.52 -6.46
CA TYR A 427 12.16 5.25 -6.86
C TYR A 427 12.27 4.19 -5.78
N PRO A 428 11.74 4.44 -4.58
CA PRO A 428 11.90 3.47 -3.49
C PRO A 428 11.07 2.22 -3.73
N PHE A 429 11.51 1.13 -3.10
CA PHE A 429 10.71 -0.08 -3.02
C PHE A 429 9.63 0.12 -1.97
N HIS A 430 8.36 0.05 -2.38
CA HIS A 430 7.29 0.35 -1.43
C HIS A 430 7.12 -0.72 -0.37
N TRP A 431 7.70 -1.92 -0.55
CA TRP A 431 7.68 -2.87 0.54
C TRP A 431 8.63 -2.49 1.67
N ALA A 432 9.49 -1.49 1.46
CA ALA A 432 10.42 -1.07 2.51
C ALA A 432 9.72 -0.30 3.63
N TRP A 433 8.55 0.28 3.33
N TRP A 433 8.55 0.28 3.38
CA TRP A 433 7.74 0.94 4.36
CA TRP A 433 7.84 0.95 4.45
C TRP A 433 7.13 -0.07 5.33
C TRP A 433 6.93 0.01 5.24
N LEU A 434 6.91 -1.29 4.90
CA LEU A 434 6.16 -2.26 5.66
C LEU A 434 6.91 -2.68 6.92
N PRO A 435 6.18 -3.00 7.99
CA PRO A 435 6.85 -3.51 9.20
C PRO A 435 7.63 -4.79 8.96
N GLN A 436 7.18 -5.65 8.04
CA GLN A 436 7.88 -6.89 7.74
C GLN A 436 9.32 -6.64 7.31
N ALA A 437 9.59 -5.52 6.64
CA ALA A 437 10.91 -5.26 6.10
C ALA A 437 11.96 -5.12 7.19
N LYS A 438 11.55 -4.90 8.44
CA LYS A 438 12.48 -4.81 9.55
C LYS A 438 12.86 -6.17 10.11
N VAL A 439 12.22 -7.24 9.66
CA VAL A 439 12.56 -8.59 10.10
C VAL A 439 13.87 -9.01 9.43
N PRO A 440 14.88 -9.41 10.19
CA PRO A 440 16.15 -9.80 9.57
C PRO A 440 15.97 -10.99 8.63
N PHE A 441 16.78 -11.01 7.57
CA PHE A 441 16.76 -12.12 6.64
C PHE A 441 16.95 -13.43 7.38
N SER A 442 16.08 -14.40 7.07
CA SER A 442 16.13 -15.68 7.74
C SER A 442 17.42 -16.43 7.37
N GLU A 443 17.87 -17.29 8.28
CA GLU A 443 19.00 -18.16 7.97
C GLU A 443 18.69 -19.06 6.80
N GLU A 444 17.41 -19.38 6.58
CA GLU A 444 17.02 -20.18 5.43
C GLU A 444 17.36 -19.48 4.12
N ILE A 445 16.93 -18.23 3.97
CA ILE A 445 17.17 -17.51 2.72
C ILE A 445 18.65 -17.21 2.54
N ARG A 446 19.35 -16.90 3.63
CA ARG A 446 20.77 -16.57 3.54
C ARG A 446 21.58 -17.77 3.04
N ASN A 447 21.32 -18.95 3.61
CA ASN A 447 22.04 -20.14 3.17
C ASN A 447 21.67 -20.56 1.77
N LEU A 448 20.48 -20.18 1.29
CA LEU A 448 20.04 -20.57 -0.03
C LEU A 448 20.59 -19.65 -1.12
N ILE A 449 20.82 -18.38 -0.79
CA ILE A 449 21.11 -17.35 -1.78
C ILE A 449 22.58 -16.96 -1.78
N LEU A 450 23.20 -16.89 -0.60
CA LEU A 450 24.62 -16.55 -0.52
C LEU A 450 25.53 -17.42 -1.39
N PRO A 451 25.35 -18.75 -1.47
CA PRO A 451 26.22 -19.53 -2.37
C PRO A 451 26.16 -19.07 -3.82
N TYR A 452 25.02 -18.55 -4.28
CA TYR A 452 24.93 -18.06 -5.65
C TYR A 452 25.60 -16.70 -5.80
N ILE A 453 25.10 -15.70 -5.06
CA ILE A 453 25.51 -14.32 -5.30
C ILE A 453 26.96 -14.07 -4.89
N SER A 454 27.50 -14.86 -3.96
CA SER A 454 28.90 -14.74 -3.60
C SER A 454 29.83 -15.41 -4.59
N ASP A 455 29.29 -16.22 -5.50
CA ASP A 455 30.08 -16.92 -6.52
C ASP A 455 30.22 -16.01 -7.73
N MET A 456 31.43 -15.50 -7.97
CA MET A 456 31.64 -14.58 -9.08
C MET A 456 31.42 -15.26 -10.43
N ASN A 457 31.66 -16.57 -10.51
CA ASN A 457 31.32 -17.30 -11.73
C ASN A 457 29.82 -17.28 -11.97
N PHE A 458 29.03 -17.45 -10.91
CA PHE A 458 27.58 -17.36 -11.05
C PHE A 458 27.17 -15.95 -11.49
N VAL A 459 27.75 -14.92 -10.88
CA VAL A 459 27.37 -13.55 -11.22
C VAL A 459 27.72 -13.25 -12.68
N GLN A 460 28.90 -13.71 -13.12
CA GLN A 460 29.29 -13.52 -14.52
C GLN A 460 28.35 -14.24 -15.47
N ASP A 461 27.96 -15.47 -15.13
CA ASP A 461 27.02 -16.22 -15.98
C ASP A 461 25.68 -15.51 -16.06
N LEU A 462 25.23 -14.92 -14.95
CA LEU A 462 23.98 -14.18 -14.96
C LEU A 462 24.06 -12.98 -15.89
N CYS A 463 25.17 -12.24 -15.85
CA CYS A 463 25.34 -11.10 -16.74
C CYS A 463 25.35 -11.54 -18.20
N GLU A 464 26.04 -12.63 -18.51
CA GLU A 464 26.04 -13.14 -19.88
C GLU A 464 24.66 -13.58 -20.32
N ASP A 465 23.90 -14.22 -19.42
CA ASP A 465 22.53 -14.60 -19.74
C ASP A 465 21.70 -13.37 -20.07
N LEU A 466 21.84 -12.31 -19.29
CA LEU A 466 21.10 -11.07 -19.56
C LEU A 466 21.58 -10.41 -20.84
N TYR A 467 22.88 -10.52 -21.15
CA TYR A 467 23.39 -9.97 -22.40
C TYR A 467 22.72 -10.61 -23.60
N GLU A 468 22.63 -11.96 -23.61
CA GLU A 468 21.99 -12.65 -24.71
C GLU A 468 20.54 -12.22 -24.86
N LEU A 469 19.85 -11.99 -23.75
CA LEU A 469 18.48 -11.51 -23.82
C LEU A 469 18.41 -10.05 -24.25
N PHE A 470 19.24 -9.19 -23.66
CA PHE A 470 19.09 -7.76 -23.89
C PHE A 470 19.59 -7.34 -25.26
N LYS A 471 20.57 -8.05 -25.82
CA LYS A 471 21.10 -7.68 -27.13
C LYS A 471 20.13 -7.97 -28.27
N THR A 472 19.01 -8.64 -27.99
CA THR A 472 18.03 -8.93 -29.02
C THR A 472 17.38 -7.65 -29.56
N ASP A 473 17.30 -6.61 -28.75
CA ASP A 473 16.64 -5.36 -29.16
C ASP A 473 17.51 -4.58 -30.13
N LYS A 474 16.85 -3.87 -31.05
CA LYS A 474 17.57 -3.09 -32.05
C LYS A 474 18.40 -1.98 -31.42
N GLY A 475 17.87 -1.35 -30.38
CA GLY A 475 18.53 -0.22 -29.76
C GLY A 475 19.58 -0.60 -28.73
N PHE A 476 20.01 -1.86 -28.74
CA PHE A 476 21.03 -2.31 -27.80
C PHE A 476 22.31 -1.51 -27.95
N ASP A 477 22.88 -1.13 -26.80
CA ASP A 477 24.14 -0.40 -26.76
C ASP A 477 25.04 -1.10 -25.74
N LYS A 478 26.25 -1.46 -26.18
CA LYS A 478 27.14 -2.22 -25.30
C LYS A 478 27.49 -1.43 -24.06
N ALA A 479 27.81 -0.14 -24.22
CA ALA A 479 28.16 0.68 -23.06
C ALA A 479 26.99 0.81 -22.10
N THR A 480 25.78 1.03 -22.63
CA THR A 480 24.61 1.15 -21.78
C THR A 480 24.30 -0.16 -21.08
N PHE A 481 24.48 -1.29 -21.76
CA PHE A 481 24.26 -2.59 -21.11
C PHE A 481 25.25 -2.82 -19.99
N GLU A 482 26.54 -2.54 -20.24
CA GLU A 482 27.54 -2.73 -19.19
C GLU A 482 27.28 -1.82 -18.01
N SER A 483 26.64 -0.67 -18.23
CA SER A 483 26.18 0.15 -17.13
C SER A 483 25.08 -0.56 -16.34
N GLN A 484 24.16 -1.23 -17.03
CA GLN A 484 23.13 -2.01 -16.34
C GLN A 484 23.75 -3.08 -15.46
N MET A 485 24.76 -3.78 -15.98
CA MET A 485 25.39 -4.84 -15.21
C MET A 485 26.21 -4.29 -14.05
N SER A 486 26.85 -3.13 -14.24
CA SER A 486 27.57 -2.52 -13.13
C SER A 486 26.64 -2.17 -11.98
N VAL A 487 25.45 -1.65 -12.31
CA VAL A 487 24.44 -1.40 -11.30
C VAL A 487 24.01 -2.72 -10.65
N MET A 488 23.72 -3.73 -11.49
CA MET A 488 23.24 -5.01 -10.94
C MET A 488 24.32 -5.69 -10.10
N ARG A 489 25.57 -5.67 -10.58
CA ARG A 489 26.66 -6.23 -9.77
C ARG A 489 26.80 -5.49 -8.45
N GLY A 490 26.66 -4.16 -8.48
CA GLY A 490 26.69 -3.39 -7.24
C GLY A 490 25.57 -3.76 -6.29
N GLN A 491 24.37 -3.96 -6.83
CA GLN A 491 23.25 -4.42 -5.99
C GLN A 491 23.56 -5.78 -5.38
N ILE A 492 24.11 -6.70 -6.18
CA ILE A 492 24.44 -8.03 -5.69
C ILE A 492 25.49 -7.95 -4.59
N LEU A 493 26.47 -7.06 -4.75
CA LEU A 493 27.49 -6.87 -3.71
C LEU A 493 26.87 -6.44 -2.40
N ASN A 494 26.02 -5.40 -2.44
CA ASN A 494 25.39 -4.92 -1.21
C ASN A 494 24.48 -5.99 -0.60
N LEU A 495 23.74 -6.71 -1.43
CA LEU A 495 22.90 -7.79 -0.94
C LEU A 495 23.74 -8.88 -0.28
N THR A 496 24.89 -9.21 -0.89
CA THR A 496 25.77 -10.21 -0.32
C THR A 496 26.24 -9.80 1.08
N GLN A 497 26.70 -8.57 1.22
CA GLN A 497 27.13 -8.08 2.53
C GLN A 497 25.97 -8.04 3.51
N ALA A 498 24.80 -7.60 3.05
CA ALA A 498 23.64 -7.51 3.94
C ALA A 498 23.24 -8.87 4.48
N LEU A 499 23.23 -9.90 3.62
CA LEU A 499 22.93 -11.24 4.08
C LEU A 499 23.98 -11.75 5.06
N ARG A 500 25.26 -11.52 4.75
CA ARG A 500 26.31 -11.95 5.67
C ARG A 500 26.18 -11.25 7.03
N ASP A 501 25.85 -9.96 7.01
CA ASP A 501 25.64 -9.21 8.25
C ASP A 501 24.34 -9.57 8.94
N GLY A 502 23.52 -10.43 8.36
CA GLY A 502 22.24 -10.78 8.95
C GLY A 502 21.26 -9.62 9.01
N LYS A 503 21.38 -8.66 8.09
CA LYS A 503 20.52 -7.49 8.12
C LYS A 503 19.11 -7.83 7.65
N SER A 504 18.25 -6.82 7.66
CA SER A 504 16.87 -6.93 7.25
C SER A 504 16.66 -6.22 5.92
N PRO A 505 15.58 -6.53 5.21
CA PRO A 505 15.28 -5.79 3.97
C PRO A 505 15.27 -4.28 4.16
N PHE A 506 14.75 -3.80 5.30
CA PHE A 506 14.75 -2.38 5.58
C PHE A 506 16.17 -1.83 5.67
N GLN A 507 17.06 -2.57 6.35
CA GLN A 507 18.45 -2.13 6.43
C GLN A 507 19.17 -2.31 5.10
N LEU A 508 18.77 -3.29 4.30
CA LEU A 508 19.41 -3.51 3.00
C LEU A 508 19.26 -2.29 2.10
N VAL A 509 18.07 -1.69 2.07
CA VAL A 509 17.84 -0.54 1.20
C VAL A 509 18.44 0.75 1.74
N GLN A 510 18.94 0.76 2.98
CA GLN A 510 19.64 1.94 3.49
C GLN A 510 21.07 2.03 3.01
N ILE A 511 21.67 0.91 2.60
CA ILE A 511 23.08 0.88 2.21
C ILE A 511 23.28 1.80 1.01
N PRO A 512 24.26 2.69 1.02
CA PRO A 512 24.49 3.55 -0.15
C PRO A 512 24.78 2.72 -1.38
N CYS A 513 24.25 3.17 -2.52
CA CYS A 513 24.36 2.39 -3.75
C CYS A 513 25.82 2.35 -4.21
N VAL A 514 26.22 1.19 -4.73
CA VAL A 514 27.56 0.97 -5.24
C VAL A 514 27.45 0.36 -6.63
N ILE A 515 28.53 0.49 -7.40
CA ILE A 515 28.63 -0.13 -8.70
C ILE A 515 29.90 -0.96 -8.74
N VAL A 516 29.92 -1.94 -9.64
CA VAL A 516 31.11 -2.72 -9.93
C VAL A 516 31.52 -2.36 -11.35
N GLU A 517 32.57 -1.56 -11.49
CA GLU A 517 33.02 -1.11 -12.80
C GLU A 517 33.67 -2.25 -13.57
N ASN B 12 -37.36 4.36 0.74
CA ASN B 12 -36.21 5.15 0.27
C ASN B 12 -36.67 6.51 -0.25
N ALA B 13 -37.54 7.18 0.51
CA ALA B 13 -38.08 8.45 0.06
C ALA B 13 -37.00 9.52 -0.06
N PHE B 14 -36.17 9.65 0.98
CA PHE B 14 -35.07 10.61 1.02
C PHE B 14 -35.53 12.02 0.64
N LEU B 15 -36.52 12.51 1.38
CA LEU B 15 -37.07 13.83 1.13
C LEU B 15 -36.01 14.92 1.30
N ASP B 16 -35.01 14.68 2.15
CA ASP B 16 -33.97 15.66 2.41
C ASP B 16 -32.81 15.61 1.43
N ASP B 17 -32.75 14.60 0.57
CA ASP B 17 -31.66 14.42 -0.37
C ASP B 17 -32.23 14.10 -1.75
N PRO B 18 -32.64 15.12 -2.52
CA PRO B 18 -33.23 14.85 -3.84
C PRO B 18 -32.33 14.04 -4.77
N GLU B 19 -31.03 14.35 -4.76
CA GLU B 19 -30.12 13.65 -5.68
C GLU B 19 -30.02 12.18 -5.33
N PHE B 20 -29.99 11.83 -4.05
CA PHE B 20 -29.92 10.42 -3.66
C PHE B 20 -31.22 9.69 -3.93
N ALA B 21 -32.36 10.38 -3.78
CA ALA B 21 -33.65 9.73 -4.03
C ALA B 21 -33.80 9.33 -5.49
N ASP B 22 -33.35 10.18 -6.42
CA ASP B 22 -33.42 9.83 -7.83
C ASP B 22 -32.56 8.62 -8.14
N ILE B 23 -31.37 8.54 -7.54
CA ILE B 23 -30.51 7.38 -7.74
C ILE B 23 -31.18 6.12 -7.21
N MET B 24 -31.81 6.21 -6.04
CA MET B 24 -32.53 5.05 -5.51
C MET B 24 -33.71 4.68 -6.40
N LEU B 25 -34.37 5.67 -6.98
CA LEU B 25 -35.47 5.38 -7.91
C LEU B 25 -34.94 4.67 -9.15
N ARG B 26 -33.79 5.10 -9.67
CA ARG B 26 -33.18 4.41 -10.81
C ARG B 26 -32.81 2.97 -10.45
N ALA B 27 -32.32 2.76 -9.23
CA ALA B 27 -32.00 1.41 -8.80
C ALA B 27 -33.22 0.52 -8.79
N GLU B 28 -34.34 1.02 -8.26
CA GLU B 28 -35.56 0.21 -8.20
C GLU B 28 -36.18 0.04 -9.59
N GLN B 29 -36.05 1.04 -10.47
CA GLN B 29 -36.50 0.87 -11.85
C GLN B 29 -35.73 -0.23 -12.56
N ALA B 30 -34.41 -0.28 -12.35
CA ALA B 30 -33.59 -1.31 -12.98
C ALA B 30 -33.95 -2.69 -12.45
N ILE B 31 -34.25 -2.81 -11.17
CA ILE B 31 -34.64 -4.11 -10.61
C ILE B 31 -35.95 -4.59 -11.22
N GLU B 32 -36.87 -3.67 -11.52
CA GLU B 32 -38.13 -4.07 -12.14
C GLU B 32 -37.91 -4.68 -13.52
N VAL B 33 -37.00 -4.11 -14.31
CA VAL B 33 -36.77 -4.59 -15.67
C VAL B 33 -35.77 -5.74 -15.66
N GLY B 34 -35.46 -6.26 -14.48
CA GLY B 34 -34.61 -7.42 -14.35
C GLY B 34 -33.12 -7.16 -14.35
N ILE B 35 -32.69 -5.91 -14.29
CA ILE B 35 -31.26 -5.58 -14.21
C ILE B 35 -30.92 -5.52 -12.72
N PHE B 36 -30.55 -6.67 -12.17
CA PHE B 36 -30.33 -6.81 -10.74
C PHE B 36 -28.94 -6.35 -10.33
N PRO B 37 -28.77 -6.00 -9.06
CA PRO B 37 -27.41 -5.76 -8.54
C PRO B 37 -26.55 -7.00 -8.71
N GLU B 38 -25.28 -6.78 -9.04
CA GLU B 38 -24.33 -7.84 -9.33
C GLU B 38 -23.31 -7.94 -8.21
N ARG B 39 -23.13 -9.13 -7.67
CA ARG B 39 -22.13 -9.33 -6.62
C ARG B 39 -20.75 -9.00 -7.15
N ILE B 40 -20.02 -8.18 -6.38
CA ILE B 40 -18.71 -7.71 -6.83
C ILE B 40 -17.70 -8.86 -6.86
N SER B 41 -17.68 -9.67 -5.81
CA SER B 41 -16.84 -10.85 -5.71
C SER B 41 -17.74 -12.09 -5.60
N GLN B 42 -17.13 -13.22 -5.27
CA GLN B 42 -17.88 -14.44 -4.99
C GLN B 42 -17.82 -14.79 -3.51
N GLY B 43 -16.62 -14.96 -2.96
CA GLY B 43 -16.43 -15.12 -1.54
C GLY B 43 -15.97 -13.81 -0.90
N SER B 44 -16.05 -13.78 0.43
CA SER B 44 -15.84 -12.54 1.19
C SER B 44 -16.73 -11.42 0.67
N SER B 45 -17.88 -11.81 0.15
CA SER B 45 -18.79 -10.91 -0.53
C SER B 45 -19.79 -10.31 0.45
N GLY B 46 -20.85 -9.74 -0.08
CA GLY B 46 -21.78 -8.95 0.71
C GLY B 46 -21.85 -7.55 0.14
N SER B 47 -21.22 -7.37 -1.01
CA SER B 47 -21.19 -6.10 -1.73
C SER B 47 -21.69 -6.32 -3.14
N TYR B 48 -22.53 -5.42 -3.61
CA TYR B 48 -23.17 -5.55 -4.92
C TYR B 48 -23.00 -4.26 -5.69
N PHE B 49 -22.74 -4.39 -6.99
CA PHE B 49 -22.76 -3.25 -7.90
C PHE B 49 -24.20 -3.03 -8.34
N VAL B 50 -24.80 -1.92 -7.93
CA VAL B 50 -26.17 -1.59 -8.29
C VAL B 50 -26.16 -0.83 -9.60
N LYS B 51 -26.98 -1.27 -10.55
CA LYS B 51 -27.01 -0.69 -11.88
C LYS B 51 -28.31 0.06 -12.10
N ASP B 52 -28.25 1.08 -12.97
CA ASP B 52 -29.44 1.78 -13.41
C ASP B 52 -30.06 1.01 -14.59
N PRO B 53 -31.24 1.42 -15.07
CA PRO B 53 -31.85 0.70 -16.19
C PRO B 53 -30.99 0.66 -17.45
N LYS B 54 -30.01 1.55 -17.58
CA LYS B 54 -29.06 1.49 -18.69
C LYS B 54 -27.83 0.64 -18.35
N ARG B 55 -27.90 -0.16 -17.28
CA ARG B 55 -26.87 -1.08 -16.79
C ARG B 55 -25.62 -0.35 -16.28
N LYS B 56 -25.60 0.97 -16.27
CA LYS B 56 -24.50 1.71 -15.67
C LYS B 56 -24.49 1.52 -14.17
N ILE B 57 -23.30 1.32 -13.60
CA ILE B 57 -23.20 1.12 -12.15
C ILE B 57 -23.38 2.46 -11.46
N ILE B 58 -24.31 2.50 -10.50
CA ILE B 58 -24.61 3.73 -9.79
C ILE B 58 -24.27 3.68 -8.31
N GLY B 59 -24.07 2.51 -7.73
CA GLY B 59 -23.76 2.46 -6.31
C GLY B 59 -23.28 1.09 -5.90
N VAL B 60 -22.71 1.05 -4.69
CA VAL B 60 -22.30 -0.18 -4.04
C VAL B 60 -23.22 -0.42 -2.85
N PHE B 61 -23.90 -1.55 -2.84
CA PHE B 61 -24.84 -1.90 -1.79
C PHE B 61 -24.29 -3.06 -0.96
N LYS B 62 -24.23 -2.86 0.36
CA LYS B 62 -23.70 -3.86 1.29
C LYS B 62 -24.79 -4.17 2.32
N PRO B 63 -25.58 -5.21 2.10
CA PRO B 63 -26.64 -5.56 3.07
C PRO B 63 -26.05 -5.95 4.41
N LYS B 64 -26.81 -5.63 5.46
CA LYS B 64 -26.39 -5.99 6.82
C LYS B 64 -26.31 -7.50 6.99
N SER B 65 -27.25 -8.24 6.41
CA SER B 65 -27.33 -9.68 6.61
C SER B 65 -26.25 -10.46 5.86
N GLU B 66 -25.49 -9.80 4.98
CA GLU B 66 -24.42 -10.47 4.25
C GLU B 66 -23.04 -9.93 4.62
N GLU B 67 -22.93 -9.16 5.69
CA GLU B 67 -21.62 -8.75 6.18
C GLU B 67 -20.86 -9.96 6.71
N PRO B 68 -19.53 -9.93 6.68
CA PRO B 68 -18.76 -11.03 7.26
C PRO B 68 -19.10 -11.21 8.73
N TYR B 69 -19.21 -12.49 9.14
CA TYR B 69 -19.60 -12.87 10.49
C TYR B 69 -20.99 -12.33 10.84
N GLY B 70 -21.98 -12.78 10.07
CA GLY B 70 -23.35 -12.37 10.26
C GLY B 70 -24.36 -13.41 9.83
N THR B 77 -28.11 -23.29 17.47
CA THR B 77 -26.66 -23.18 17.53
C THR B 77 -26.16 -23.37 18.96
N LYS B 78 -26.02 -24.63 19.36
CA LYS B 78 -25.46 -24.94 20.67
C LYS B 78 -23.99 -24.54 20.72
N TYR B 79 -23.54 -24.06 21.88
CA TYR B 79 -22.16 -23.71 22.09
C TYR B 79 -21.59 -24.57 23.20
N ASN B 80 -20.50 -25.27 22.90
CA ASN B 80 -19.90 -26.23 23.80
C ASN B 80 -18.47 -26.47 23.33
N ILE B 81 -17.75 -27.35 24.04
CA ILE B 81 -16.38 -27.65 23.66
C ILE B 81 -16.32 -28.20 22.24
N PHE B 82 -17.33 -28.96 21.82
CA PHE B 82 -17.31 -29.54 20.48
C PHE B 82 -17.44 -28.48 19.42
N GLU B 83 -18.42 -27.57 19.55
CA GLU B 83 -18.55 -26.49 18.59
C GLU B 83 -17.41 -25.49 18.72
N MET B 84 -16.88 -25.32 19.93
CA MET B 84 -15.72 -24.45 20.11
C MET B 84 -14.52 -24.99 19.34
N LEU B 85 -14.28 -26.30 19.40
CA LEU B 85 -13.15 -26.89 18.71
C LEU B 85 -13.38 -27.02 17.21
N ARG B 86 -14.63 -27.14 16.78
CA ARG B 86 -14.90 -27.16 15.34
C ARG B 86 -14.54 -25.82 14.69
N ILE B 87 -14.81 -24.72 15.38
CA ILE B 87 -14.42 -23.40 14.88
C ILE B 87 -12.90 -23.28 14.86
N ASP B 88 -12.23 -23.70 15.94
CA ASP B 88 -10.79 -23.51 16.05
C ASP B 88 -10.00 -24.48 15.18
N GLU B 89 -10.50 -25.69 14.96
CA GLU B 89 -9.75 -26.71 14.22
C GLU B 89 -10.23 -26.91 12.80
N GLY B 90 -11.51 -26.65 12.52
CA GLY B 90 -12.04 -26.87 11.18
C GLY B 90 -12.19 -28.35 10.87
N LEU B 91 -12.62 -28.62 9.64
CA LEU B 91 -12.86 -29.98 9.17
C LEU B 91 -12.18 -30.18 7.84
N ARG B 92 -11.10 -30.97 7.82
CA ARG B 92 -10.42 -31.38 6.61
C ARG B 92 -10.47 -32.90 6.51
N LEU B 93 -10.85 -33.40 5.33
CA LEU B 93 -10.95 -34.85 5.15
C LEU B 93 -9.65 -35.48 4.72
N LYS B 94 -8.77 -34.73 4.05
CA LYS B 94 -7.45 -35.20 3.68
C LYS B 94 -6.41 -34.75 4.71
N ILE B 95 -5.25 -35.40 4.68
CA ILE B 95 -4.21 -35.10 5.65
C ILE B 95 -3.62 -33.72 5.35
N TYR B 96 -3.26 -33.00 6.41
CA TYR B 96 -2.67 -31.68 6.28
C TYR B 96 -1.73 -31.45 7.47
N LYS B 97 -1.00 -30.34 7.42
CA LYS B 97 -0.04 -29.98 8.46
C LYS B 97 -0.64 -28.91 9.36
N ASP B 98 -0.35 -29.02 10.66
CA ASP B 98 -0.87 -28.08 11.64
C ASP B 98 0.06 -26.85 11.73
N THR B 99 -0.18 -26.01 12.72
CA THR B 99 0.63 -24.79 12.89
C THR B 99 2.03 -25.08 13.38
N GLU B 100 2.33 -26.33 13.76
CA GLU B 100 3.68 -26.71 14.18
C GLU B 100 4.28 -27.79 13.28
N GLY B 101 3.70 -27.99 12.10
CA GLY B 101 4.32 -28.83 11.08
C GLY B 101 3.78 -30.24 10.95
N TYR B 102 3.39 -30.85 12.06
CA TYR B 102 3.04 -32.26 12.07
C TYR B 102 1.76 -32.52 11.28
N TYR B 103 1.62 -33.74 10.78
CA TYR B 103 0.49 -34.11 9.93
C TYR B 103 -0.75 -34.37 10.76
N THR B 104 -1.90 -33.93 10.25
CA THR B 104 -3.16 -34.03 10.97
C THR B 104 -4.29 -34.38 10.00
N ILE B 105 -5.38 -34.91 10.56
CA ILE B 105 -6.56 -35.30 9.81
C ILE B 105 -7.80 -34.86 10.58
N GLY B 106 -8.92 -34.75 9.86
CA GLY B 106 -10.21 -34.56 10.51
C GLY B 106 -10.29 -33.25 11.27
N ILE B 107 -10.96 -33.30 12.42
CA ILE B 107 -11.11 -32.10 13.27
C ILE B 107 -9.90 -32.10 14.21
N GLY B 108 -8.77 -31.63 13.69
CA GLY B 108 -7.57 -31.46 14.48
C GLY B 108 -6.98 -32.73 15.06
N HIS B 109 -7.20 -33.88 14.40
CA HIS B 109 -6.65 -35.13 14.90
C HIS B 109 -5.21 -35.29 14.43
N LEU B 110 -4.28 -35.31 15.37
CA LEU B 110 -2.89 -35.59 15.04
C LEU B 110 -2.75 -37.06 14.63
N LEU B 111 -2.21 -37.29 13.44
CA LEU B 111 -1.99 -38.64 12.95
C LEU B 111 -0.58 -39.14 13.20
N THR B 112 0.42 -38.37 12.80
CA THR B 112 1.81 -38.75 13.04
C THR B 112 2.67 -37.50 13.04
N LYS B 113 3.74 -37.56 13.83
CA LYS B 113 4.74 -36.49 13.88
C LYS B 113 5.90 -36.73 12.93
N SER B 114 5.89 -37.84 12.19
CA SER B 114 6.92 -38.16 11.22
C SER B 114 6.41 -37.93 9.80
N PRO B 115 7.28 -37.56 8.86
CA PRO B 115 6.84 -37.27 7.49
C PRO B 115 6.42 -38.52 6.71
N SER B 116 6.33 -39.66 7.40
CA SER B 116 5.88 -40.90 6.77
C SER B 116 4.37 -40.84 6.57
N LEU B 117 3.96 -40.48 5.36
CA LEU B 117 2.53 -40.42 5.04
C LEU B 117 1.87 -41.79 5.22
N ASN B 118 2.56 -42.85 4.81
CA ASN B 118 2.02 -44.20 4.96
C ASN B 118 1.82 -44.57 6.42
N ALA B 119 2.73 -44.12 7.29
CA ALA B 119 2.52 -44.30 8.72
C ALA B 119 1.27 -43.57 9.19
N ALA B 120 1.06 -42.35 8.69
CA ALA B 120 -0.19 -41.65 8.97
C ALA B 120 -1.37 -42.40 8.37
N LYS B 121 -1.24 -42.85 7.11
CA LYS B 121 -2.31 -43.58 6.47
C LYS B 121 -2.62 -44.88 7.20
N SER B 122 -1.56 -45.59 7.63
CA SER B 122 -1.78 -46.76 8.48
C SER B 122 -2.47 -46.35 9.78
N GLU B 123 -1.90 -45.37 10.49
CA GLU B 123 -2.54 -44.87 11.71
C GLU B 123 -3.95 -44.36 11.44
N LEU B 124 -4.19 -43.79 10.26
CA LEU B 124 -5.53 -43.34 9.92
C LEU B 124 -6.45 -44.54 9.71
N ASP B 125 -6.12 -45.39 8.72
CA ASP B 125 -6.94 -46.57 8.46
C ASP B 125 -6.97 -47.52 9.66
N LYS B 126 -5.94 -47.50 10.52
CA LYS B 126 -6.00 -48.27 11.76
C LYS B 126 -7.14 -47.78 12.64
N ALA B 127 -7.22 -46.46 12.86
CA ALA B 127 -8.25 -45.91 13.73
C ALA B 127 -9.59 -45.79 13.00
N ILE B 128 -9.56 -45.35 11.74
CA ILE B 128 -10.78 -45.30 10.94
C ILE B 128 -11.32 -46.71 10.70
N GLY B 129 -10.45 -47.72 10.64
CA GLY B 129 -10.90 -49.08 10.40
C GLY B 129 -10.88 -49.44 8.93
N ARG B 130 -11.79 -48.84 8.16
CA ARG B 130 -11.75 -49.03 6.71
C ARG B 130 -10.48 -48.39 6.15
N ASN B 131 -9.87 -49.06 5.18
CA ASN B 131 -8.59 -48.58 4.64
C ASN B 131 -8.83 -47.71 3.42
N THR B 132 -9.65 -46.67 3.58
CA THR B 132 -9.87 -45.67 2.54
C THR B 132 -8.75 -44.64 2.47
N ASN B 133 -7.62 -44.91 3.12
CA ASN B 133 -6.42 -44.05 3.08
C ASN B 133 -6.82 -42.67 3.62
N GLY B 134 -6.33 -41.58 3.02
CA GLY B 134 -6.53 -40.25 3.54
C GLY B 134 -7.98 -39.81 3.69
N VAL B 135 -8.75 -39.90 2.60
CA VAL B 135 -10.12 -39.40 2.61
C VAL B 135 -10.93 -40.15 3.67
N ILE B 136 -11.51 -39.41 4.60
CA ILE B 136 -12.40 -39.97 5.60
C ILE B 136 -13.77 -39.31 5.46
N THR B 137 -14.75 -39.85 6.18
CA THR B 137 -16.10 -39.32 6.18
C THR B 137 -16.26 -38.26 7.27
N LYS B 138 -17.29 -37.43 7.13
CA LYS B 138 -17.63 -36.49 8.18
C LYS B 138 -17.99 -37.21 9.46
N ASP B 139 -18.82 -38.25 9.36
CA ASP B 139 -19.16 -39.05 10.53
C ASP B 139 -17.93 -39.76 11.08
N GLU B 140 -16.99 -40.14 10.22
CA GLU B 140 -15.74 -40.71 10.70
C GLU B 140 -14.90 -39.68 11.43
N ALA B 141 -14.83 -38.45 10.89
CA ALA B 141 -14.08 -37.39 11.56
C ALA B 141 -14.69 -37.07 12.92
N GLU B 142 -16.02 -37.03 13.00
CA GLU B 142 -16.69 -36.78 14.27
C GLU B 142 -16.40 -37.88 15.28
N LYS B 143 -16.34 -39.13 14.81
CA LYS B 143 -16.00 -40.24 15.71
C LYS B 143 -14.60 -40.04 16.29
N LEU B 144 -13.63 -39.66 15.46
CA LEU B 144 -12.31 -39.34 15.97
C LEU B 144 -12.34 -38.09 16.84
N PHE B 145 -13.14 -37.09 16.46
CA PHE B 145 -13.20 -35.85 17.21
C PHE B 145 -13.71 -36.08 18.63
N ASN B 146 -14.78 -36.87 18.79
CA ASN B 146 -15.31 -37.13 20.12
C ASN B 146 -14.31 -37.91 20.97
N GLN B 147 -13.59 -38.85 20.37
CA GLN B 147 -12.56 -39.57 21.10
C GLN B 147 -11.45 -38.62 21.55
N ASP B 148 -11.03 -37.70 20.69
CA ASP B 148 -9.97 -36.77 21.05
C ASP B 148 -10.38 -35.85 22.19
N VAL B 149 -11.63 -35.38 22.17
CA VAL B 149 -12.12 -34.56 23.28
C VAL B 149 -12.12 -35.35 24.57
N ASP B 150 -12.59 -36.60 24.52
CA ASP B 150 -12.58 -37.45 25.71
C ASP B 150 -11.16 -37.66 26.21
N ALA B 151 -10.21 -37.87 25.28
CA ALA B 151 -8.81 -38.04 25.68
C ALA B 151 -8.28 -36.77 26.33
N ALA B 152 -8.65 -35.60 25.81
CA ALA B 152 -8.23 -34.34 26.43
C ALA B 152 -8.79 -34.20 27.84
N VAL B 153 -10.06 -34.57 28.04
CA VAL B 153 -10.64 -34.53 29.37
C VAL B 153 -9.92 -35.48 30.31
N ARG B 154 -9.60 -36.69 29.83
CA ARG B 154 -8.90 -37.66 30.66
C ARG B 154 -7.54 -37.13 31.11
N GLY B 155 -6.80 -36.51 30.19
CA GLY B 155 -5.52 -35.92 30.56
C GLY B 155 -5.65 -34.88 31.65
N ILE B 156 -6.72 -34.08 31.58
CA ILE B 156 -6.98 -33.09 32.63
C ILE B 156 -7.27 -33.78 33.95
N LEU B 157 -8.10 -34.82 33.94
CA LEU B 157 -8.53 -35.47 35.17
C LEU B 157 -7.41 -36.26 35.83
N ARG B 158 -6.48 -36.80 35.03
CA ARG B 158 -5.37 -37.58 35.56
C ARG B 158 -4.14 -36.73 35.86
N ASN B 159 -4.23 -35.42 35.69
CA ASN B 159 -3.09 -34.53 35.94
C ASN B 159 -3.29 -33.82 37.27
N ALA B 160 -2.26 -33.89 38.12
CA ALA B 160 -2.33 -33.31 39.47
C ALA B 160 -2.48 -31.79 39.44
N LYS B 161 -2.06 -31.12 38.37
CA LYS B 161 -2.17 -29.67 38.27
C LYS B 161 -3.40 -29.21 37.51
N LEU B 162 -3.84 -29.96 36.50
CA LEU B 162 -5.00 -29.55 35.71
C LEU B 162 -6.32 -29.82 36.43
N LYS B 163 -6.44 -30.98 37.08
CA LYS B 163 -7.72 -31.36 37.67
C LYS B 163 -8.21 -30.37 38.72
N PRO B 164 -7.41 -29.92 39.70
CA PRO B 164 -7.93 -28.93 40.65
C PRO B 164 -8.41 -27.66 39.98
N VAL B 165 -7.70 -27.19 38.95
CA VAL B 165 -8.15 -26.04 38.19
C VAL B 165 -9.45 -26.36 37.45
N TYR B 166 -9.52 -27.53 36.82
CA TYR B 166 -10.70 -27.91 36.05
C TYR B 166 -11.94 -28.00 36.94
N ASP B 167 -11.79 -28.58 38.13
CA ASP B 167 -12.92 -28.70 39.04
C ASP B 167 -13.43 -27.32 39.46
N SER B 168 -12.52 -26.37 39.67
CA SER B 168 -12.91 -25.05 40.15
C SER B 168 -13.56 -24.20 39.08
N LEU B 169 -13.41 -24.56 37.80
CA LEU B 169 -13.87 -23.71 36.73
C LEU B 169 -15.35 -23.94 36.40
N ASP B 170 -15.99 -22.88 35.92
CA ASP B 170 -17.32 -23.03 35.34
C ASP B 170 -17.23 -23.76 34.01
N ALA B 171 -18.39 -24.19 33.51
CA ALA B 171 -18.44 -25.07 32.35
C ALA B 171 -17.84 -24.39 31.11
N VAL B 172 -18.13 -23.10 30.90
CA VAL B 172 -17.59 -22.41 29.74
C VAL B 172 -16.07 -22.31 29.83
N ARG B 173 -15.55 -21.96 31.01
CA ARG B 173 -14.11 -21.87 31.17
C ARG B 173 -13.46 -23.26 31.19
N ARG B 174 -14.21 -24.29 31.59
CA ARG B 174 -13.71 -25.65 31.45
C ARG B 174 -13.44 -25.99 29.99
N ALA B 175 -14.34 -25.58 29.10
CA ALA B 175 -14.15 -25.82 27.67
C ALA B 175 -12.89 -25.15 27.16
N ALA B 176 -12.60 -23.94 27.64
CA ALA B 176 -11.37 -23.26 27.24
C ALA B 176 -10.14 -24.06 27.66
N LEU B 177 -10.17 -24.62 28.87
CA LEU B 177 -9.07 -25.47 29.31
C LEU B 177 -8.98 -26.73 28.47
N ILE B 178 -10.12 -27.35 28.16
CA ILE B 178 -10.12 -28.54 27.31
C ILE B 178 -9.61 -28.19 25.92
N ASN B 179 -9.93 -26.98 25.45
CA ASN B 179 -9.44 -26.53 24.15
C ASN B 179 -7.92 -26.47 24.13
N MET B 180 -7.31 -25.96 25.19
CA MET B 180 -5.85 -25.90 25.25
C MET B 180 -5.25 -27.30 25.26
N VAL B 181 -5.79 -28.19 26.10
CA VAL B 181 -5.28 -29.56 26.18
C VAL B 181 -5.45 -30.28 24.85
N PHE B 182 -6.58 -30.04 24.18
CA PHE B 182 -6.81 -30.61 22.86
C PHE B 182 -5.72 -30.17 21.88
N GLN B 183 -5.25 -28.93 22.00
CA GLN B 183 -4.31 -28.40 21.01
C GLN B 183 -2.87 -28.83 21.30
N MET B 184 -2.40 -28.64 22.54
CA MET B 184 -0.99 -28.82 22.85
C MET B 184 -0.73 -29.93 23.86
N GLY B 185 -1.75 -30.70 24.24
CA GLY B 185 -1.54 -31.86 25.08
C GLY B 185 -1.55 -31.53 26.57
N GLU B 186 -1.71 -32.58 27.37
CA GLU B 186 -1.79 -32.42 28.82
C GLU B 186 -0.50 -31.86 29.39
N THR B 187 0.65 -32.36 28.93
CA THR B 187 1.93 -31.92 29.48
C THR B 187 2.17 -30.44 29.21
N GLY B 188 1.90 -29.98 27.98
CA GLY B 188 2.13 -28.58 27.66
C GLY B 188 1.25 -27.64 28.46
N VAL B 189 -0.03 -27.98 28.62
CA VAL B 189 -0.94 -27.13 29.38
C VAL B 189 -0.54 -27.10 30.84
N ALA B 190 -0.14 -28.25 31.40
CA ALA B 190 0.30 -28.29 32.79
C ALA B 190 1.52 -27.41 33.02
N GLY B 191 2.29 -27.10 31.98
CA GLY B 191 3.44 -26.22 32.12
C GLY B 191 3.08 -24.79 32.44
N PHE B 192 1.83 -24.37 32.18
CA PHE B 192 1.38 -23.00 32.50
C PHE B 192 1.11 -22.88 34.00
N THR B 193 2.17 -23.11 34.79
CA THR B 193 2.02 -23.23 36.23
C THR B 193 1.37 -21.98 36.83
N ASN B 194 1.88 -20.80 36.48
CA ASN B 194 1.37 -19.56 37.07
C ASN B 194 -0.06 -19.26 36.60
N SER B 195 -0.33 -19.44 35.30
CA SER B 195 -1.66 -19.16 34.79
C SER B 195 -2.70 -20.11 35.37
N LEU B 196 -2.34 -21.38 35.53
CA LEU B 196 -3.25 -22.34 36.14
C LEU B 196 -3.62 -21.94 37.56
N ARG B 197 -2.64 -21.50 38.34
CA ARG B 197 -2.92 -21.02 39.70
C ARG B 197 -3.83 -19.81 39.67
N MET B 198 -3.60 -18.88 38.73
CA MET B 198 -4.47 -17.72 38.60
C MET B 198 -5.88 -18.12 38.22
N LEU B 199 -6.03 -19.08 37.31
CA LEU B 199 -7.35 -19.53 36.91
C LEU B 199 -8.10 -20.16 38.08
N GLN B 200 -7.40 -20.97 38.88
CA GLN B 200 -8.04 -21.58 40.05
C GLN B 200 -8.45 -20.52 41.07
N GLN B 201 -7.67 -19.45 41.18
CA GLN B 201 -8.00 -18.34 42.07
C GLN B 201 -8.96 -17.34 41.43
N LYS B 202 -9.38 -17.59 40.19
CA LYS B 202 -10.34 -16.75 39.47
C LYS B 202 -9.79 -15.34 39.20
N ARG B 203 -8.49 -15.25 38.95
CA ARG B 203 -7.86 -13.99 38.53
C ARG B 203 -7.78 -14.00 37.01
N TRP B 204 -8.93 -13.70 36.39
CA TRP B 204 -9.08 -13.92 34.95
C TRP B 204 -8.15 -13.03 34.13
N ASP B 205 -8.13 -11.73 34.44
CA ASP B 205 -7.33 -10.81 33.63
C ASP B 205 -5.84 -11.09 33.76
N GLU B 206 -5.38 -11.39 34.98
CA GLU B 206 -3.96 -11.71 35.17
C GLU B 206 -3.58 -12.97 34.40
N ALA B 207 -4.45 -13.99 34.43
CA ALA B 207 -4.20 -15.18 33.64
C ALA B 207 -4.17 -14.86 32.15
N ALA B 208 -5.07 -13.98 31.72
CA ALA B 208 -5.11 -13.58 30.32
C ALA B 208 -3.81 -12.92 29.89
N VAL B 209 -3.28 -12.04 30.73
CA VAL B 209 -2.02 -11.36 30.41
C VAL B 209 -0.89 -12.38 30.28
N ASN B 210 -0.81 -13.30 31.24
CA ASN B 210 0.23 -14.33 31.20
C ASN B 210 0.12 -15.18 29.94
N LEU B 211 -1.11 -15.60 29.61
CA LEU B 211 -1.30 -16.47 28.45
C LEU B 211 -1.08 -15.72 27.14
N ALA B 212 -1.42 -14.44 27.10
CA ALA B 212 -1.24 -13.65 25.88
C ALA B 212 0.24 -13.47 25.53
N LYS B 213 1.15 -13.66 26.49
CA LYS B 213 2.57 -13.50 26.27
C LYS B 213 3.30 -14.84 26.19
N SER B 214 2.59 -15.91 25.88
CA SER B 214 3.19 -17.24 25.79
C SER B 214 3.58 -17.56 24.35
N ARG B 215 4.46 -18.56 24.20
CA ARG B 215 4.78 -19.05 22.87
C ARG B 215 3.56 -19.65 22.19
N TRP B 216 2.59 -20.11 22.98
CA TRP B 216 1.34 -20.63 22.41
C TRP B 216 0.59 -19.54 21.67
N TYR B 217 0.53 -18.34 22.24
CA TYR B 217 -0.14 -17.23 21.57
C TYR B 217 0.52 -16.91 20.23
N ASN B 218 1.84 -16.71 20.23
CA ASN B 218 2.51 -16.35 18.97
C ASN B 218 2.37 -17.43 17.91
N GLN B 219 2.27 -18.69 18.33
CA GLN B 219 2.10 -19.77 17.37
C GLN B 219 0.71 -19.74 16.74
N THR B 220 -0.33 -19.57 17.57
CA THR B 220 -1.72 -19.54 17.11
C THR B 220 -2.42 -18.36 17.76
N PRO B 221 -2.21 -17.14 17.24
CA PRO B 221 -2.71 -15.95 17.96
C PRO B 221 -4.22 -15.76 17.89
N ASN B 222 -4.86 -16.13 16.79
CA ASN B 222 -6.31 -15.93 16.70
C ASN B 222 -7.06 -16.91 17.60
N ARG B 223 -6.69 -18.19 17.55
CA ARG B 223 -7.33 -19.18 18.41
C ARG B 223 -7.02 -18.91 19.88
N ALA B 224 -5.76 -18.58 20.19
CA ALA B 224 -5.41 -18.27 21.56
C ALA B 224 -6.19 -17.08 22.08
N LYS B 225 -6.37 -16.05 21.25
CA LYS B 225 -7.15 -14.90 21.66
C LYS B 225 -8.58 -15.30 21.99
N ARG B 226 -9.20 -16.17 21.17
CA ARG B 226 -10.54 -16.64 21.46
C ARG B 226 -10.58 -17.42 22.78
N VAL B 227 -9.63 -18.34 22.96
CA VAL B 227 -9.60 -19.13 24.19
C VAL B 227 -9.32 -18.23 25.39
N ILE B 228 -8.35 -17.33 25.26
CA ILE B 228 -8.02 -16.43 26.37
C ILE B 228 -9.20 -15.53 26.71
N THR B 229 -9.88 -15.00 25.69
CA THR B 229 -11.07 -14.20 25.92
C THR B 229 -12.16 -15.02 26.61
N THR B 230 -12.26 -16.31 26.26
CA THR B 230 -13.22 -17.18 26.93
C THR B 230 -12.87 -17.32 28.42
N PHE B 231 -11.59 -17.42 28.74
CA PHE B 231 -11.17 -17.42 30.13
C PHE B 231 -11.51 -16.10 30.81
N ARG B 232 -11.35 -14.99 30.09
CA ARG B 232 -11.58 -13.68 30.69
C ARG B 232 -13.05 -13.43 30.97
N THR B 233 -13.94 -13.84 30.05
CA THR B 233 -15.35 -13.50 30.15
C THR B 233 -16.21 -14.64 30.68
N GLY B 234 -15.79 -15.90 30.50
CA GLY B 234 -16.66 -17.00 30.85
C GLY B 234 -17.88 -17.10 29.97
N THR B 235 -17.83 -16.55 28.77
CA THR B 235 -18.93 -16.56 27.82
C THR B 235 -18.43 -17.12 26.49
N TRP B 236 -19.36 -17.26 25.55
CA TRP B 236 -19.04 -17.74 24.20
C TRP B 236 -18.92 -16.59 23.20
N ASP B 237 -18.80 -15.35 23.69
CA ASP B 237 -18.85 -14.19 22.81
C ASP B 237 -17.71 -14.22 21.79
N ALA B 238 -16.53 -14.67 22.19
CA ALA B 238 -15.41 -14.75 21.25
C ALA B 238 -15.68 -15.76 20.14
N TYR B 239 -16.62 -16.68 20.34
CA TYR B 239 -16.99 -17.62 19.29
C TYR B 239 -18.32 -17.30 18.64
N LYS B 240 -19.19 -16.55 19.32
CA LYS B 240 -20.40 -16.05 18.68
C LYS B 240 -20.09 -14.94 17.69
N ASN B 241 -19.17 -14.05 18.06
CA ASN B 241 -18.74 -12.95 17.19
C ASN B 241 -17.27 -13.18 16.84
N LEU B 242 -17.02 -13.66 15.63
CA LEU B 242 -15.67 -13.90 15.14
C LEU B 242 -15.08 -12.68 14.45
N GLY B 243 -15.74 -11.52 14.53
CA GLY B 243 -15.24 -10.30 13.96
C GLY B 243 -14.29 -9.57 14.89
N ARG B 244 -14.01 -8.31 14.53
CA ARG B 244 -13.07 -7.51 15.29
C ARG B 244 -13.66 -7.15 16.65
N GLY B 245 -12.89 -7.42 17.71
CA GLY B 245 -13.41 -7.31 19.07
C GLY B 245 -13.72 -5.90 19.52
N CYS B 246 -13.14 -4.90 18.87
CA CYS B 246 -13.41 -3.52 19.22
C CYS B 246 -14.61 -2.93 18.49
N LEU B 247 -15.27 -3.71 17.63
CA LEU B 247 -16.41 -3.23 16.85
C LEU B 247 -17.69 -3.92 17.28
N ILE B 248 -18.79 -3.17 17.21
CA ILE B 248 -20.11 -3.75 17.44
C ILE B 248 -20.41 -4.76 16.34
N PRO B 249 -20.90 -5.96 16.66
CA PRO B 249 -21.16 -6.94 15.61
C PRO B 249 -22.24 -6.49 14.63
N ASN B 250 -22.01 -6.81 13.35
CA ASN B 250 -23.04 -6.75 12.31
C ASN B 250 -23.66 -5.36 12.18
N GLN B 251 -22.84 -4.32 12.29
CA GLN B 251 -23.30 -2.95 12.03
C GLN B 251 -22.34 -2.24 11.08
N GLY B 252 -21.75 -3.00 10.15
CA GLY B 252 -20.87 -2.39 9.17
C GLY B 252 -21.58 -1.41 8.26
N TYR B 253 -22.82 -1.70 7.90
CA TYR B 253 -23.60 -0.79 7.06
C TYR B 253 -23.78 0.56 7.74
N LEU B 254 -23.94 0.56 9.06
CA LEU B 254 -24.02 1.81 9.80
C LEU B 254 -22.67 2.54 9.83
N SER B 255 -21.58 1.79 9.90
CA SER B 255 -20.26 2.41 9.83
C SER B 255 -20.04 3.07 8.47
N GLU B 256 -20.51 2.43 7.40
CA GLU B 256 -20.41 3.02 6.06
C GLU B 256 -21.18 4.33 6.00
N ALA B 257 -22.41 4.34 6.49
CA ALA B 257 -23.21 5.57 6.49
C ALA B 257 -22.69 6.57 7.51
N GLY B 258 -22.13 6.09 8.62
CA GLY B 258 -21.56 7.00 9.60
C GLY B 258 -20.33 7.74 9.09
N ALA B 259 -19.53 7.08 8.25
CA ALA B 259 -18.36 7.75 7.68
C ALA B 259 -18.77 8.92 6.78
N TYR B 260 -19.80 8.74 5.97
CA TYR B 260 -20.26 9.84 5.14
C TYR B 260 -20.82 10.98 6.00
N LEU B 261 -21.54 10.63 7.07
CA LEU B 261 -22.11 11.65 7.94
C LEU B 261 -21.02 12.51 8.58
N VAL B 262 -19.94 11.88 9.04
CA VAL B 262 -18.81 12.64 9.56
C VAL B 262 -18.19 13.49 8.46
N ASP B 263 -17.99 12.88 7.28
CA ASP B 263 -17.43 13.60 6.14
C ASP B 263 -18.27 14.81 5.80
N ASN B 264 -19.59 14.63 5.69
CA ASN B 264 -20.47 15.72 5.27
C ASN B 264 -20.52 16.83 6.31
N LYS B 265 -20.54 16.47 7.59
CA LYS B 265 -20.63 17.50 8.62
C LYS B 265 -19.36 18.34 8.68
N LEU B 266 -18.22 17.78 8.28
CA LEU B 266 -16.97 18.52 8.19
C LEU B 266 -16.67 18.98 6.78
N HIS B 267 -17.54 18.66 5.82
CA HIS B 267 -17.36 19.04 4.41
C HIS B 267 -16.02 18.55 3.88
N LEU B 268 -15.64 17.32 4.25
CA LEU B 268 -14.41 16.72 3.75
C LEU B 268 -14.53 16.40 2.26
N SER B 269 -15.68 15.87 1.84
CA SER B 269 -15.98 15.59 0.43
C SER B 269 -14.97 14.60 -0.17
N ILE B 270 -14.72 13.52 0.55
CA ILE B 270 -13.88 12.44 0.02
C ILE B 270 -14.65 11.13 0.09
N VAL B 271 -15.60 11.03 1.00
CA VAL B 271 -16.45 9.85 1.10
C VAL B 271 -17.60 10.00 0.10
N PRO B 272 -17.76 9.09 -0.84
CA PRO B 272 -18.96 9.13 -1.70
C PRO B 272 -20.21 9.02 -0.85
N LYS B 273 -21.25 9.76 -1.25
CA LYS B 273 -22.48 9.81 -0.48
C LYS B 273 -22.98 8.40 -0.19
N THR B 274 -23.17 8.10 1.09
CA THR B 274 -23.56 6.77 1.54
C THR B 274 -24.73 6.89 2.51
N LYS B 275 -25.78 6.13 2.26
CA LYS B 275 -26.98 6.18 3.07
C LYS B 275 -27.46 4.76 3.35
N VAL B 276 -28.27 4.62 4.39
CA VAL B 276 -28.92 3.36 4.69
C VAL B 276 -30.18 3.24 3.84
N VAL B 277 -30.28 2.14 3.09
CA VAL B 277 -31.40 1.92 2.17
C VAL B 277 -31.89 0.48 2.30
N TRP B 278 -33.09 0.25 1.76
CA TRP B 278 -33.69 -1.07 1.68
C TRP B 278 -33.84 -1.44 0.21
N LEU B 279 -33.48 -2.68 -0.13
CA LEU B 279 -33.55 -3.15 -1.50
C LEU B 279 -34.00 -4.60 -1.55
N VAL B 280 -34.63 -4.98 -2.66
CA VAL B 280 -35.04 -6.35 -2.93
C VAL B 280 -34.41 -6.78 -4.25
N SER B 281 -33.77 -7.95 -4.24
CA SER B 281 -33.16 -8.48 -5.44
C SER B 281 -33.00 -9.99 -5.30
N GLU B 282 -33.26 -10.72 -6.38
CA GLU B 282 -33.06 -12.16 -6.37
C GLU B 282 -31.59 -12.53 -6.25
N THR B 283 -30.69 -11.66 -6.73
CA THR B 283 -29.26 -11.91 -6.62
C THR B 283 -28.75 -11.82 -5.19
N PHE B 284 -29.55 -11.30 -4.26
CA PHE B 284 -29.14 -11.26 -2.86
C PHE B 284 -29.16 -12.67 -2.27
N ASN B 285 -28.36 -12.85 -1.22
CA ASN B 285 -28.22 -14.16 -0.56
C ASN B 285 -29.37 -14.34 0.41
N TYR B 286 -30.44 -14.99 -0.07
CA TYR B 286 -31.59 -15.28 0.77
C TYR B 286 -31.54 -16.72 1.29
N LEU B 316 -39.99 -11.47 -1.92
CA LEU B 316 -38.71 -11.45 -1.23
C LEU B 316 -38.64 -10.30 -0.24
N PRO B 317 -38.29 -10.60 1.01
CA PRO B 317 -38.18 -9.55 2.03
C PRO B 317 -37.09 -8.56 1.69
N PRO B 318 -37.30 -7.27 1.95
CA PRO B 318 -36.26 -6.28 1.69
C PRO B 318 -35.09 -6.43 2.66
N LYS B 319 -33.91 -6.02 2.19
CA LYS B 319 -32.69 -6.11 2.97
C LYS B 319 -32.17 -4.69 3.24
N ILE B 320 -31.89 -4.41 4.50
CA ILE B 320 -31.29 -3.14 4.87
C ILE B 320 -29.80 -3.19 4.60
N GLY B 321 -29.21 -2.04 4.30
CA GLY B 321 -27.78 -2.00 4.05
C GLY B 321 -27.35 -0.60 3.66
N SER B 322 -26.05 -0.47 3.46
CA SER B 322 -25.47 0.80 3.05
C SER B 322 -25.41 0.88 1.53
N PHE B 323 -25.73 2.05 1.00
CA PHE B 323 -25.69 2.33 -0.44
C PHE B 323 -24.73 3.49 -0.65
N GLN B 324 -23.57 3.20 -1.24
CA GLN B 324 -22.55 4.21 -1.50
C GLN B 324 -22.49 4.49 -3.00
N LEU B 325 -22.53 5.77 -3.37
CA LEU B 325 -22.50 6.14 -4.78
C LEU B 325 -21.22 5.66 -5.44
N PHE B 326 -21.36 5.06 -6.62
CA PHE B 326 -20.21 4.63 -7.39
C PHE B 326 -19.50 5.83 -7.99
N VAL B 327 -18.18 5.88 -7.85
CA VAL B 327 -17.35 6.94 -8.41
C VAL B 327 -16.50 6.35 -9.52
N GLU B 328 -16.35 7.10 -10.62
CA GLU B 328 -15.76 6.59 -11.83
C GLU B 328 -14.35 7.15 -12.02
N GLY B 329 -13.50 6.36 -12.68
CA GLY B 329 -12.17 6.78 -13.02
C GLY B 329 -11.15 6.73 -11.90
N TYR B 330 -11.49 6.12 -10.77
CA TYR B 330 -10.59 6.05 -9.64
C TYR B 330 -9.74 4.79 -9.70
N LYS B 331 -8.49 4.91 -9.26
CA LYS B 331 -7.61 3.79 -9.06
C LYS B 331 -7.23 3.71 -7.59
N GLU B 332 -6.68 2.58 -7.18
CA GLU B 332 -6.18 2.47 -5.82
C GLU B 332 -5.07 3.48 -5.58
N ALA B 333 -4.98 3.98 -4.35
CA ALA B 333 -3.96 4.96 -4.03
C ALA B 333 -2.56 4.39 -4.20
N GLU B 334 -2.38 3.12 -3.83
CA GLU B 334 -1.09 2.45 -4.05
C GLU B 334 -0.69 2.51 -5.52
N TYR B 335 -1.65 2.41 -6.43
CA TYR B 335 -1.36 2.54 -7.85
C TYR B 335 -0.78 3.93 -8.16
N TRP B 336 -1.45 4.98 -7.72
CA TRP B 336 -1.01 6.33 -8.07
C TRP B 336 0.23 6.73 -7.28
N LEU B 337 0.33 6.30 -6.02
CA LEU B 337 1.56 6.52 -5.27
C LEU B 337 2.75 5.91 -6.00
N ARG B 338 2.56 4.73 -6.60
CA ARG B 338 3.61 4.11 -7.39
C ARG B 338 3.88 4.92 -8.67
N LYS B 339 2.83 5.36 -9.36
CA LYS B 339 3.02 6.11 -10.60
C LYS B 339 3.68 7.46 -10.35
N PHE B 340 3.46 8.06 -9.17
CA PHE B 340 4.06 9.35 -8.89
C PHE B 340 5.56 9.26 -8.65
N GLU B 341 6.10 8.06 -8.42
CA GLU B 341 7.54 7.91 -8.30
C GLU B 341 8.24 8.25 -9.60
N ALA B 342 7.70 7.78 -10.73
CA ALA B 342 8.30 8.05 -12.04
C ALA B 342 7.85 9.38 -12.63
N ASP B 343 6.61 9.80 -12.35
CA ASP B 343 6.05 11.04 -12.88
C ASP B 343 5.50 11.85 -11.71
N PRO B 344 6.37 12.57 -11.00
CA PRO B 344 5.92 13.33 -9.83
C PRO B 344 4.89 14.39 -10.21
N LEU B 345 3.99 14.65 -9.27
CA LEU B 345 2.97 15.68 -9.48
C LEU B 345 3.62 17.05 -9.55
N PRO B 346 3.12 17.93 -10.42
CA PRO B 346 3.53 19.34 -10.34
C PRO B 346 3.11 19.92 -9.00
N GLU B 347 3.90 20.90 -8.54
CA GLU B 347 3.80 21.38 -7.17
C GLU B 347 2.37 21.79 -6.81
N ASN B 348 1.67 22.45 -7.74
CA ASN B 348 0.29 22.85 -7.45
C ASN B 348 -0.60 21.63 -7.23
N ILE B 349 -0.45 20.60 -8.06
CA ILE B 349 -1.26 19.39 -7.91
C ILE B 349 -0.85 18.64 -6.64
N ARG B 350 0.45 18.64 -6.32
CA ARG B 350 0.90 17.96 -5.11
C ARG B 350 0.27 18.57 -3.87
N LYS B 351 0.14 19.91 -3.84
CA LYS B 351 -0.54 20.56 -2.73
C LYS B 351 -1.98 20.08 -2.61
N GLN B 352 -2.69 19.98 -3.73
CA GLN B 352 -4.06 19.50 -3.70
C GLN B 352 -4.12 18.05 -3.22
N PHE B 353 -3.18 17.21 -3.68
CA PHE B 353 -3.16 15.82 -3.25
C PHE B 353 -2.93 15.71 -1.74
N GLN B 354 -2.01 16.53 -1.21
CA GLN B 354 -1.77 16.50 0.22
C GLN B 354 -2.99 16.96 1.01
N SER B 355 -3.67 18.02 0.54
CA SER B 355 -4.87 18.47 1.22
C SER B 355 -5.96 17.40 1.18
N GLN B 356 -6.08 16.70 0.05
CA GLN B 356 -6.96 15.54 0.00
C GLN B 356 -6.52 14.45 0.97
N PHE B 357 -5.20 14.20 1.03
CA PHE B 357 -4.68 13.19 1.94
C PHE B 357 -4.96 13.56 3.39
N GLU B 358 -4.85 14.85 3.72
CA GLU B 358 -5.11 15.30 5.08
C GLU B 358 -6.57 15.08 5.46
N ARG B 359 -7.48 15.29 4.51
CA ARG B 359 -8.89 15.01 4.77
C ARG B 359 -9.12 13.54 5.03
N LEU B 360 -8.43 12.66 4.29
CA LEU B 360 -8.51 11.23 4.55
C LEU B 360 -8.02 10.89 5.96
N VAL B 361 -6.89 11.49 6.37
CA VAL B 361 -6.36 11.25 7.70
C VAL B 361 -7.35 11.69 8.77
N ILE B 362 -7.95 12.88 8.58
CA ILE B 362 -8.90 13.41 9.54
C ILE B 362 -10.13 12.51 9.65
N LEU B 363 -10.66 12.07 8.50
CA LEU B 363 -11.81 11.17 8.51
C LEU B 363 -11.48 9.87 9.22
N ASP B 364 -10.39 9.22 8.83
CA ASP B 364 -10.04 7.92 9.40
C ASP B 364 -9.78 8.01 10.90
N TYR B 365 -9.07 9.06 11.33
CA TYR B 365 -8.75 9.20 12.74
C TYR B 365 -10.02 9.44 13.57
N ILE B 366 -10.88 10.34 13.10
CA ILE B 366 -12.09 10.66 13.86
C ILE B 366 -12.97 9.43 14.02
N ILE B 367 -13.19 8.70 12.93
CA ILE B 367 -14.03 7.50 13.01
C ILE B 367 -13.25 6.28 13.47
N ARG B 368 -11.94 6.42 13.71
CA ARG B 368 -11.05 5.31 14.08
C ARG B 368 -11.28 4.10 13.18
N ASN B 369 -11.00 4.30 11.90
CA ASN B 369 -11.10 3.23 10.92
C ASN B 369 -10.04 2.17 11.23
N THR B 370 -10.49 0.93 11.38
CA THR B 370 -9.59 -0.18 11.65
C THR B 370 -9.18 -0.94 10.39
N ASP B 371 -9.69 -0.54 9.23
CA ASP B 371 -9.50 -1.30 8.01
C ASP B 371 -9.13 -0.39 6.84
N ARG B 372 -8.23 0.56 7.09
CA ARG B 372 -7.75 1.43 6.01
C ARG B 372 -6.41 0.89 5.54
N GLY B 373 -6.43 0.22 4.39
CA GLY B 373 -5.21 -0.05 3.65
C GLY B 373 -4.98 1.03 2.61
N ASN B 374 -3.90 0.86 1.86
CA ASN B 374 -3.65 1.77 0.76
C ASN B 374 -4.27 1.30 -0.54
N ASP B 375 -5.02 0.19 -0.50
CA ASP B 375 -5.79 -0.27 -1.63
C ASP B 375 -7.26 0.14 -1.57
N ASN B 376 -7.77 0.54 -0.39
CA ASN B 376 -9.18 0.87 -0.25
C ASN B 376 -9.42 2.35 0.06
N TRP B 377 -8.43 3.21 -0.15
CA TRP B 377 -8.68 4.61 -0.44
C TRP B 377 -8.20 4.87 -1.87
N LEU B 378 -9.06 5.46 -2.68
CA LEU B 378 -8.86 5.57 -4.10
C LEU B 378 -8.40 6.97 -4.48
N VAL B 379 -7.74 7.07 -5.64
CA VAL B 379 -7.26 8.34 -6.16
C VAL B 379 -7.65 8.44 -7.63
N ARG B 380 -8.23 9.58 -8.00
CA ARG B 380 -8.53 9.89 -9.39
C ARG B 380 -7.63 11.02 -9.83
N TYR B 381 -6.84 10.79 -10.89
CA TYR B 381 -5.93 11.80 -11.39
C TYR B 381 -5.98 11.78 -12.92
N GLU B 382 -6.37 12.91 -13.50
CA GLU B 382 -6.39 13.09 -14.95
C GLU B 382 -5.38 14.17 -15.28
N LYS B 383 -4.29 13.78 -15.94
CA LYS B 383 -3.18 14.69 -16.23
C LYS B 383 -3.49 15.59 -17.41
N LEU B 404 -8.56 18.75 -9.58
CA LEU B 404 -7.64 18.16 -10.55
C LEU B 404 -7.19 16.76 -10.12
N ILE B 405 -7.08 16.56 -8.81
CA ILE B 405 -6.78 15.26 -8.23
C ILE B 405 -7.70 15.06 -7.03
N LYS B 406 -8.26 13.86 -6.90
CA LYS B 406 -9.31 13.62 -5.92
C LYS B 406 -9.06 12.29 -5.21
N ILE B 407 -9.46 12.23 -3.95
CA ILE B 407 -9.42 11.02 -3.14
C ILE B 407 -10.85 10.58 -2.88
N ALA B 408 -11.11 9.29 -3.05
CA ALA B 408 -12.38 8.68 -2.67
C ALA B 408 -12.11 7.73 -1.51
N ALA B 409 -12.71 8.02 -0.35
CA ALA B 409 -12.61 7.16 0.82
C ALA B 409 -13.80 6.21 0.79
N ILE B 410 -13.55 4.97 0.39
CA ILE B 410 -14.58 3.96 0.25
C ILE B 410 -14.38 2.91 1.33
N ASP B 411 -15.30 1.95 1.41
CA ASP B 411 -15.14 0.77 2.25
C ASP B 411 -14.85 1.16 3.70
N ASN B 412 -15.81 1.88 4.28
CA ASN B 412 -15.68 2.40 5.64
C ASN B 412 -16.55 1.63 6.63
N GLY B 413 -16.75 0.34 6.39
CA GLY B 413 -17.66 -0.46 7.20
C GLY B 413 -17.09 -1.04 8.47
N LEU B 414 -15.82 -0.77 8.78
CA LEU B 414 -15.15 -1.34 9.96
C LEU B 414 -14.58 -0.22 10.81
N ALA B 415 -15.39 0.79 11.10
CA ALA B 415 -14.97 1.92 11.91
C ALA B 415 -15.93 2.13 13.07
N PHE B 416 -15.81 3.26 13.76
CA PHE B 416 -16.59 3.56 14.95
C PHE B 416 -16.50 2.46 16.01
N PRO B 417 -15.30 2.14 16.50
CA PRO B 417 -15.19 1.16 17.59
C PRO B 417 -15.75 1.70 18.89
N PHE B 418 -16.29 0.79 19.70
CA PHE B 418 -16.78 1.18 21.02
C PHE B 418 -15.65 1.30 22.03
N LYS B 419 -14.47 0.75 21.72
CA LYS B 419 -13.29 0.90 22.55
C LYS B 419 -12.07 0.98 21.64
N HIS B 420 -11.02 1.59 22.15
CA HIS B 420 -9.75 1.58 21.42
C HIS B 420 -9.24 0.15 21.32
N PRO B 421 -8.53 -0.19 20.25
CA PRO B 421 -7.98 -1.56 20.12
C PRO B 421 -7.07 -1.90 21.29
N ASP B 422 -7.16 -3.16 21.74
CA ASP B 422 -6.43 -3.63 22.91
C ASP B 422 -4.91 -3.64 22.72
N GLU B 423 -4.43 -3.29 21.52
CA GLU B 423 -3.02 -3.30 21.14
C GLU B 423 -2.53 -4.73 20.95
N TRP B 424 -3.37 -5.71 21.30
CA TRP B 424 -3.16 -7.07 20.80
C TRP B 424 -3.51 -7.16 19.32
N ARG B 425 -4.36 -6.27 18.85
CA ARG B 425 -4.64 -6.06 17.42
C ARG B 425 -4.62 -4.55 17.21
N ALA B 426 -3.48 -4.02 16.77
CA ALA B 426 -3.30 -2.56 16.74
C ALA B 426 -4.18 -1.89 15.70
N TYR B 427 -4.48 -2.57 14.60
CA TYR B 427 -5.26 -2.01 13.49
C TYR B 427 -4.72 -0.64 13.05
N PRO B 428 -3.47 -0.56 12.61
CA PRO B 428 -2.91 0.74 12.24
C PRO B 428 -3.49 1.24 10.92
N PHE B 429 -3.34 2.54 10.70
CA PHE B 429 -3.69 3.14 9.42
C PHE B 429 -2.55 2.93 8.44
N HIS B 430 -2.80 2.18 7.36
CA HIS B 430 -1.73 1.87 6.43
C HIS B 430 -1.19 3.11 5.72
N TRP B 431 -1.93 4.21 5.67
CA TRP B 431 -1.33 5.43 5.12
C TRP B 431 -0.30 6.04 6.07
N ALA B 432 -0.21 5.57 7.32
CA ALA B 432 0.80 6.09 8.23
C ALA B 432 2.21 5.69 7.83
N TRP B 433 2.36 4.61 7.05
N TRP B 433 2.40 4.64 7.04
CA TRP B 433 3.66 4.22 6.52
CA TRP B 433 3.75 4.30 6.61
C TRP B 433 4.17 5.20 5.49
C TRP B 433 4.13 4.96 5.29
N LEU B 434 3.27 5.81 4.73
CA LEU B 434 3.65 6.56 3.54
C LEU B 434 4.56 7.73 3.89
N PRO B 435 5.50 8.07 3.00
CA PRO B 435 6.37 9.22 3.26
C PRO B 435 5.61 10.52 3.48
N GLN B 436 4.51 10.73 2.75
CA GLN B 436 3.78 11.98 2.88
C GLN B 436 2.98 12.08 4.17
N ALA B 437 2.84 10.98 4.92
CA ALA B 437 2.21 11.07 6.24
C ALA B 437 3.04 11.88 7.21
N LYS B 438 4.33 12.08 6.93
CA LYS B 438 5.20 12.88 7.78
C LYS B 438 5.18 14.37 7.42
N VAL B 439 4.47 14.74 6.37
CA VAL B 439 4.29 16.17 6.06
C VAL B 439 3.36 16.79 7.10
N PRO B 440 3.75 17.90 7.73
CA PRO B 440 2.87 18.53 8.73
C PRO B 440 1.54 18.93 8.12
N PHE B 441 0.49 18.88 8.94
CA PHE B 441 -0.82 19.35 8.50
C PHE B 441 -0.72 20.80 8.01
N SER B 442 -1.24 21.04 6.81
CA SER B 442 -1.18 22.37 6.24
C SER B 442 -2.04 23.33 7.05
N GLU B 443 -1.67 24.62 7.00
CA GLU B 443 -2.47 25.63 7.69
C GLU B 443 -3.88 25.71 7.10
N GLU B 444 -4.03 25.39 5.82
CA GLU B 444 -5.35 25.41 5.20
C GLU B 444 -6.30 24.43 5.88
N ILE B 445 -5.84 23.18 6.07
CA ILE B 445 -6.71 22.19 6.71
C ILE B 445 -6.87 22.50 8.19
N ARG B 446 -5.83 23.04 8.83
CA ARG B 446 -5.96 23.43 10.24
C ARG B 446 -7.01 24.52 10.42
N ASN B 447 -7.02 25.51 9.54
CA ASN B 447 -7.99 26.60 9.64
C ASN B 447 -9.39 26.15 9.24
N LEU B 448 -9.53 25.09 8.44
CA LEU B 448 -10.84 24.62 8.02
C LEU B 448 -11.49 23.66 9.03
N ILE B 449 -10.68 22.92 9.79
CA ILE B 449 -11.18 21.84 10.63
C ILE B 449 -11.20 22.22 12.11
N LEU B 450 -10.18 22.93 12.59
CA LEU B 450 -10.13 23.34 13.98
C LEU B 450 -11.38 24.08 14.45
N PRO B 451 -11.95 25.03 13.70
CA PRO B 451 -13.18 25.69 14.19
C PRO B 451 -14.32 24.72 14.45
N TYR B 452 -14.38 23.60 13.74
CA TYR B 452 -15.44 22.63 13.98
C TYR B 452 -15.10 21.74 15.18
N ILE B 453 -13.98 21.01 15.10
CA ILE B 453 -13.69 19.99 16.11
C ILE B 453 -13.40 20.61 17.46
N SER B 454 -12.89 21.84 17.49
CA SER B 454 -12.64 22.51 18.77
C SER B 454 -13.91 23.02 19.41
N ASP B 455 -15.01 23.10 18.65
CA ASP B 455 -16.29 23.59 19.17
C ASP B 455 -17.02 22.40 19.82
N MET B 456 -17.20 22.46 21.14
CA MET B 456 -17.86 21.37 21.85
C MET B 456 -19.30 21.21 21.39
N ASN B 457 -19.96 22.30 20.99
CA ASN B 457 -21.33 22.20 20.50
C ASN B 457 -21.39 21.47 19.17
N PHE B 458 -20.40 21.70 18.30
CA PHE B 458 -20.34 20.96 17.04
C PHE B 458 -20.15 19.47 17.30
N VAL B 459 -19.28 19.13 18.25
CA VAL B 459 -19.01 17.72 18.55
C VAL B 459 -20.27 17.05 19.07
N GLN B 460 -21.00 17.72 19.98
CA GLN B 460 -22.23 17.14 20.51
C GLN B 460 -23.27 16.97 19.41
N ASP B 461 -23.37 17.95 18.50
CA ASP B 461 -24.29 17.79 17.37
C ASP B 461 -23.89 16.60 16.51
N LEU B 462 -22.59 16.41 16.31
CA LEU B 462 -22.12 15.24 15.56
C LEU B 462 -22.53 13.94 16.24
N CYS B 463 -22.39 13.88 17.57
CA CYS B 463 -22.79 12.68 18.29
C CYS B 463 -24.29 12.44 18.19
N GLU B 464 -25.08 13.50 18.33
CA GLU B 464 -26.53 13.37 18.21
C GLU B 464 -26.93 12.94 16.80
N ASP B 465 -26.27 13.51 15.78
CA ASP B 465 -26.50 13.06 14.40
C ASP B 465 -26.21 11.58 14.27
N LEU B 466 -25.07 11.14 14.80
CA LEU B 466 -24.73 9.72 14.77
C LEU B 466 -25.69 8.88 15.60
N TYR B 467 -26.21 9.44 16.70
CA TYR B 467 -27.20 8.72 17.49
C TYR B 467 -28.44 8.40 16.67
N GLU B 468 -28.93 9.38 15.89
CA GLU B 468 -30.10 9.16 15.06
C GLU B 468 -29.83 8.08 14.02
N LEU B 469 -28.63 8.06 13.45
CA LEU B 469 -28.29 7.05 12.45
C LEU B 469 -28.14 5.67 13.08
N PHE B 470 -27.40 5.58 14.19
CA PHE B 470 -27.03 4.29 14.75
C PHE B 470 -28.17 3.61 15.50
N LYS B 471 -29.14 4.37 16.03
CA LYS B 471 -30.22 3.76 16.80
C LYS B 471 -31.19 2.97 15.93
N THR B 472 -31.07 3.07 14.61
CA THR B 472 -31.97 2.35 13.72
C THR B 472 -31.77 0.84 13.78
N ASP B 473 -30.59 0.38 14.17
CA ASP B 473 -30.31 -1.06 14.18
C ASP B 473 -31.06 -1.74 15.31
N LYS B 474 -31.54 -2.96 15.04
CA LYS B 474 -32.28 -3.70 16.06
C LYS B 474 -31.41 -4.04 17.25
N GLY B 475 -30.10 -4.16 17.04
CA GLY B 475 -29.16 -4.45 18.10
C GLY B 475 -28.57 -3.24 18.79
N PHE B 476 -29.14 -2.06 18.57
CA PHE B 476 -28.59 -0.84 19.16
C PHE B 476 -28.61 -0.92 20.68
N ASP B 477 -27.55 -0.40 21.30
CA ASP B 477 -27.42 -0.35 22.75
C ASP B 477 -26.94 1.05 23.12
N LYS B 478 -27.71 1.73 23.98
CA LYS B 478 -27.37 3.10 24.34
C LYS B 478 -26.02 3.19 25.04
N ALA B 479 -25.74 2.24 25.95
CA ALA B 479 -24.46 2.24 26.65
C ALA B 479 -23.31 2.02 25.70
N THR B 480 -23.44 1.07 24.77
CA THR B 480 -22.37 0.80 23.82
C THR B 480 -22.17 1.97 22.86
N PHE B 481 -23.27 2.63 22.47
CA PHE B 481 -23.15 3.81 21.62
C PHE B 481 -22.40 4.92 22.32
N GLU B 482 -22.67 5.14 23.60
CA GLU B 482 -21.94 6.17 24.35
C GLU B 482 -20.47 5.84 24.44
N SER B 483 -20.11 4.55 24.47
CA SER B 483 -18.71 4.17 24.41
C SER B 483 -18.09 4.53 23.06
N GLN B 484 -18.85 4.35 21.98
CA GLN B 484 -18.37 4.72 20.65
C GLN B 484 -18.07 6.21 20.58
N MET B 485 -18.98 7.03 21.10
CA MET B 485 -18.78 8.47 21.05
C MET B 485 -17.64 8.93 21.95
N SER B 486 -17.43 8.25 23.08
CA SER B 486 -16.29 8.59 23.94
C SER B 486 -14.98 8.31 23.23
N VAL B 487 -14.92 7.23 22.45
CA VAL B 487 -13.74 6.97 21.62
C VAL B 487 -13.58 8.06 20.58
N MET B 488 -14.67 8.39 19.88
CA MET B 488 -14.60 9.40 18.83
C MET B 488 -14.21 10.75 19.39
N ARG B 489 -14.76 11.12 20.56
CA ARG B 489 -14.38 12.38 21.19
C ARG B 489 -12.90 12.39 21.56
N GLY B 490 -12.40 11.27 22.08
CA GLY B 490 -10.97 11.17 22.35
C GLY B 490 -10.14 11.34 21.10
N GLN B 491 -10.58 10.75 19.99
CA GLN B 491 -9.89 10.94 18.72
C GLN B 491 -9.91 12.41 18.29
N ILE B 492 -11.07 13.06 18.43
CA ILE B 492 -11.20 14.47 18.07
C ILE B 492 -10.31 15.33 18.97
N LEU B 493 -10.19 14.95 20.23
CA LEU B 493 -9.32 15.68 21.16
C LEU B 493 -7.86 15.62 20.69
N ASN B 494 -7.38 14.41 20.38
CA ASN B 494 -6.01 14.27 19.89
C ASN B 494 -5.83 14.99 18.55
N LEU B 495 -6.82 14.88 17.67
CA LEU B 495 -6.73 15.56 16.38
C LEU B 495 -6.68 17.08 16.57
N THR B 496 -7.45 17.59 17.52
CA THR B 496 -7.45 19.04 17.78
C THR B 496 -6.07 19.50 18.22
N GLN B 497 -5.46 18.79 19.15
CA GLN B 497 -4.13 19.17 19.62
C GLN B 497 -3.08 19.00 18.53
N ALA B 498 -3.19 17.93 17.73
CA ALA B 498 -2.24 17.73 16.65
C ALA B 498 -2.30 18.86 15.62
N LEU B 499 -3.51 19.28 15.26
CA LEU B 499 -3.64 20.40 14.34
C LEU B 499 -3.10 21.69 14.96
N ARG B 500 -3.37 21.90 16.25
CA ARG B 500 -2.84 23.07 16.94
C ARG B 500 -1.32 23.04 16.97
N ASP B 501 -0.74 21.87 17.22
CA ASP B 501 0.72 21.73 17.33
C ASP B 501 1.41 21.69 15.97
N GLY B 502 0.67 21.83 14.88
CA GLY B 502 1.28 21.74 13.56
C GLY B 502 1.89 20.39 13.27
N LYS B 503 1.35 19.32 13.85
CA LYS B 503 1.91 18.00 13.67
C LYS B 503 1.51 17.41 12.31
N SER B 504 2.14 16.31 11.97
CA SER B 504 1.86 15.55 10.77
C SER B 504 0.93 14.39 11.07
N PRO B 505 0.30 13.80 10.06
CA PRO B 505 -0.46 12.56 10.30
C PRO B 505 0.37 11.47 10.95
N PHE B 506 1.66 11.36 10.59
CA PHE B 506 2.52 10.37 11.21
C PHE B 506 2.66 10.63 12.71
N GLN B 507 2.84 11.89 13.09
CA GLN B 507 2.90 12.22 14.51
C GLN B 507 1.54 12.07 15.18
N LEU B 508 0.46 12.34 14.44
CA LEU B 508 -0.88 12.25 15.02
C LEU B 508 -1.19 10.85 15.52
N VAL B 509 -0.84 9.82 14.75
CA VAL B 509 -1.16 8.46 15.16
C VAL B 509 -0.29 7.96 16.31
N GLN B 510 0.79 8.67 16.64
CA GLN B 510 1.60 8.31 17.80
C GLN B 510 1.00 8.79 19.12
N ILE B 511 0.07 9.73 19.08
CA ILE B 511 -0.51 10.26 20.32
C ILE B 511 -1.29 9.15 21.01
N PRO B 512 -1.05 8.90 22.30
CA PRO B 512 -1.76 7.80 22.98
C PRO B 512 -3.25 8.04 22.98
N CYS B 513 -4.00 6.92 22.96
CA CYS B 513 -5.45 6.99 22.87
C CYS B 513 -6.05 7.66 24.10
N VAL B 514 -7.12 8.41 23.87
CA VAL B 514 -7.81 9.15 24.93
C VAL B 514 -9.29 8.80 24.87
N ILE B 515 -9.94 8.85 26.03
CA ILE B 515 -11.38 8.65 26.17
C ILE B 515 -11.97 9.91 26.79
N VAL B 516 -12.98 10.48 26.14
CA VAL B 516 -13.68 11.66 26.64
C VAL B 516 -15.13 11.23 26.88
N GLU B 517 -15.45 10.86 28.10
CA GLU B 517 -16.80 10.41 28.44
C GLU B 517 -17.74 11.60 28.62
C4 A1IVA C . -1.79 -10.49 -13.52
C1' A1IVA C . -3.07 -8.30 -13.32
C2 A1IVA C . -2.23 -12.59 -13.01
C2' A1IVA C . -2.91 -7.54 -12.00
C3' A1IVA C . -2.35 -6.20 -12.49
C3B A1IVA C . -1.34 -1.49 -15.99
C4' A1IVA C . -3.09 -6.01 -13.81
C5 A1IVA C . -0.52 -10.81 -13.99
C5' A1IVA C . -2.36 -5.17 -14.82
C6 A1IVA C . -0.15 -12.17 -13.94
C8 A1IVA C . -0.74 -8.71 -14.24
CI1 A1IVA C . 1.59 3.85 -18.25
CI2 A1IVA C . 0.15 4.13 -18.70
CI3 A1IVA C . -0.68 2.85 -18.73
CI4 A1IVA C . -0.18 1.86 -17.69
CI5 A1IVA C . 1.21 1.36 -18.04
CI6 A1IVA C . 2.07 2.46 -18.66
N1 A1IVA C . -1.04 -13.05 -13.42
N3 A1IVA C . -2.70 -11.34 -13.01
N6 A1IVA C . 1.04 -12.63 -14.34
N7 A1IVA C . 0.13 -9.67 -14.44
N9 A1IVA C . -1.92 -9.13 -13.68
O1A A1IVA C . -0.04 -3.80 -14.15
O1B A1IVA C . -0.31 -2.06 -18.41
O1G A1IVA C . -0.32 0.82 -15.05
O2' A1IVA C . -4.17 -7.39 -11.35
O2A A1IVA C . 1.36 -5.49 -15.42
O2B A1IVA C . 1.31 -1.78 -16.57
O2G A1IVA C . -2.72 0.81 -15.62
O3' A1IVA C . -2.64 -5.14 -11.57
O3A A1IVA C . -0.12 -3.90 -16.63
O4' A1IVA C . -3.27 -7.34 -14.33
O5' A1IVA C . -1.15 -5.86 -15.17
OI1 A1IVA C . 1.74 4.06 -16.85
OI2 A1IVA C . -0.45 5.08 -17.83
OI3 A1IVA C . -2.05 3.16 -18.50
OI4 A1IVA C . -1.05 0.78 -17.62
OI5 A1IVA C . 1.85 0.84 -16.88
OI6 A1IVA C . 2.09 2.34 -20.08
PA A1IVA C . 0.10 -4.72 -15.28
PB A1IVA C . -0.05 -2.34 -16.95
PG A1IVA C . -1.36 0.31 -16.03
C4 A1IVA D . -15.96 1.30 -5.55
C1' A1IVA D . -14.79 -0.95 -5.56
C2 A1IVA D . -16.13 2.95 -7.00
C2' A1IVA D . -13.41 -1.10 -4.93
C3' A1IVA D . -13.11 -2.57 -5.21
C3B A1IVA D . -14.52 -6.70 -0.31
C4' A1IVA D . -14.49 -3.22 -5.10
C5 A1IVA D . -16.75 1.96 -4.62
C5' A1IVA D . -14.78 -3.84 -3.75
C6 A1IVA D . -17.25 3.23 -5.00
C8 A1IVA D . -16.19 0.11 -3.73
N1 A1IVA D . -16.91 3.70 -6.22
N3 A1IVA D . -15.62 1.74 -6.77
N6 A1IVA D . -18.01 3.98 -4.21
N7 A1IVA D . -16.89 1.20 -3.47
N9 A1IVA D . -15.60 0.11 -4.97
O1A A1IVA D . -16.87 -3.62 -1.91
O1B A1IVA D . -15.11 -5.14 1.84
O1G A1IVA D . -13.69 -7.84 2.01
O2' A1IVA D . -12.47 -0.23 -5.55
O2A A1IVA D . -15.63 -1.71 -0.74
O2B A1IVA D . -16.91 -5.54 0.21
O2G A1IVA D . -12.06 -6.42 0.87
O3' A1IVA D . -12.54 -2.76 -6.50
O3A A1IVA D . -14.92 -4.03 -0.45
O4' A1IVA D . -15.45 -2.18 -5.37
O5' A1IVA D . -14.57 -2.80 -2.77
OI4 A1IVA D . -12.59 -8.69 -0.37
PA A1IVA D . -15.59 -3.01 -1.46
PB A1IVA D . -15.42 -5.29 0.38
PG A1IVA D . -13.17 -7.43 0.65
#